data_8OK0
#
_entry.id   8OK0
#
_cell.length_a   107.172
_cell.length_b   58.928
_cell.length_c   189.161
_cell.angle_alpha   90.00
_cell.angle_beta   98.93
_cell.angle_gamma   90.00
#
_symmetry.space_group_name_H-M   'I 1 2 1'
#
loop_
_entity.id
_entity.type
_entity.pdbx_description
1 polymer 'NAD(P)H dehydrogenase [quinone] 1'
2 non-polymer 'FLAVIN-ADENINE DINUCLEOTIDE'
3 non-polymer 'phenylmethanesulfonic acid'
4 non-polymer GLYCEROL
5 non-polymer 'ACETYL GROUP'
6 water water
#
_entity_poly.entity_id   1
_entity_poly.type   'polypeptide(L)'
_entity_poly.pdbx_seq_one_letter_code
;MVGRRALIVLAHSERTSFNYAMKEAAAAALKKKGWEVVESDLYAMNFNPIISRKDITGKLKDPANFQYPAESVLAYKEGH
LSPDIVAEQKKLEAADLVIFQFPLQWFGVPAILKGWFERVFIGEFAYTYAAMYDKGPFRSKKAVLSITTGGSGSMYSLQG
IHGDMNVILWPIQSGILHFCGFQVLEPQLTYSIGHTPADARIQILEGWKKRLENIWDETPLYFAPSSLFDLNFQAGFLMK
KEVQDEEKNKKFGLSVGHHLGKSIPTDNQIKAR
;
_entity_poly.pdbx_strand_id   A,D,B,C
#
# COMPACT_ATOMS: atom_id res chain seq x y z
N GLY A 3 4.84 -25.71 30.78
CA GLY A 3 5.65 -25.05 29.73
C GLY A 3 5.23 -23.60 29.53
N ARG A 4 6.23 -22.72 29.41
CA ARG A 4 5.98 -21.33 29.03
C ARG A 4 6.00 -21.19 27.50
N ARG A 5 5.56 -20.00 27.04
CA ARG A 5 5.42 -19.73 25.62
C ARG A 5 6.34 -18.57 25.22
N ALA A 6 7.05 -18.74 24.10
CA ALA A 6 7.97 -17.73 23.58
C ALA A 6 7.52 -17.29 22.20
N LEU A 7 7.65 -15.98 21.92
CA LEU A 7 7.51 -15.40 20.59
C LEU A 7 8.85 -14.80 20.18
N ILE A 8 9.36 -15.24 19.02
CA ILE A 8 10.57 -14.68 18.46
C ILE A 8 10.19 -13.84 17.24
N VAL A 9 10.43 -12.54 17.35
CA VAL A 9 10.25 -11.62 16.25
C VAL A 9 11.61 -11.37 15.57
N LEU A 10 11.74 -11.81 14.32
CA LEU A 10 12.95 -11.65 13.52
C LEU A 10 12.76 -10.57 12.46
N ALA A 11 13.77 -9.70 12.29
CA ALA A 11 13.74 -8.64 11.29
C ALA A 11 15.00 -8.70 10.44
N HIS A 12 15.05 -9.70 9.54
CA HIS A 12 16.13 -9.84 8.58
C HIS A 12 15.63 -10.63 7.37
N SER A 13 15.96 -10.14 6.18
CA SER A 13 15.49 -10.69 4.91
C SER A 13 16.16 -12.01 4.54
N GLU A 14 17.37 -12.28 5.04
CA GLU A 14 18.17 -13.40 4.54
C GLU A 14 18.16 -14.60 5.48
N ARG A 15 17.78 -15.78 4.94
CA ARG A 15 17.82 -17.03 5.68
C ARG A 15 19.27 -17.45 5.95
N THR A 16 20.19 -16.90 5.15
CA THR A 16 21.61 -17.21 5.25
C THR A 16 22.32 -16.34 6.29
N SER A 17 21.58 -15.43 6.93
CA SER A 17 22.18 -14.42 7.80
C SER A 17 22.53 -15.01 9.16
N PHE A 18 23.39 -14.29 9.89
CA PHE A 18 23.67 -14.64 11.26
C PHE A 18 22.43 -14.42 12.12
N ASN A 19 21.66 -13.38 11.79
CA ASN A 19 20.41 -13.12 12.49
C ASN A 19 19.49 -14.33 12.43
N TYR A 20 19.36 -14.92 11.25
CA TYR A 20 18.51 -16.09 11.10
C TYR A 20 19.06 -17.24 11.93
N ALA A 21 20.39 -17.38 11.96
CA ALA A 21 21.01 -18.46 12.73
C ALA A 21 20.68 -18.30 14.22
N MET A 22 20.69 -17.04 14.70
N MET A 22 20.69 -17.04 14.70
CA MET A 22 20.41 -16.76 16.10
CA MET A 22 20.41 -16.76 16.10
C MET A 22 18.94 -17.07 16.43
C MET A 22 18.94 -17.07 16.43
N LYS A 23 18.05 -16.80 15.47
CA LYS A 23 16.64 -17.14 15.64
C LYS A 23 16.49 -18.65 15.75
N GLU A 24 17.14 -19.39 14.85
CA GLU A 24 17.10 -20.84 14.86
C GLU A 24 17.68 -21.40 16.16
N ALA A 25 18.77 -20.82 16.62
CA ALA A 25 19.41 -21.28 17.85
C ALA A 25 18.48 -21.06 19.05
N ALA A 26 17.87 -19.87 19.11
CA ALA A 26 16.93 -19.56 20.18
C ALA A 26 15.78 -20.56 20.20
N ALA A 27 15.22 -20.82 19.02
CA ALA A 27 14.05 -21.70 18.93
C ALA A 27 14.42 -23.10 19.44
N ALA A 28 15.59 -23.59 19.02
CA ALA A 28 16.04 -24.94 19.37
C ALA A 28 16.27 -25.05 20.88
N ALA A 29 16.94 -24.05 21.47
CA ALA A 29 17.26 -24.07 22.89
C ALA A 29 15.99 -23.99 23.74
N LEU A 30 15.03 -23.16 23.33
CA LEU A 30 13.81 -22.98 24.11
C LEU A 30 12.94 -24.25 24.04
N LYS A 31 12.84 -24.84 22.85
CA LYS A 31 12.08 -26.09 22.70
C LYS A 31 12.70 -27.23 23.51
N LYS A 32 14.03 -27.29 23.55
CA LYS A 32 14.75 -28.29 24.34
C LYS A 32 14.36 -28.22 25.80
N LYS A 33 14.08 -27.01 26.31
CA LYS A 33 13.67 -26.81 27.69
C LYS A 33 12.15 -26.82 27.84
N GLY A 34 11.41 -27.27 26.82
CA GLY A 34 9.98 -27.47 26.94
C GLY A 34 9.12 -26.23 26.67
N TRP A 35 9.70 -25.17 26.12
CA TRP A 35 8.89 -24.02 25.71
C TRP A 35 8.10 -24.36 24.43
N GLU A 36 6.93 -23.76 24.32
CA GLU A 36 6.25 -23.58 23.03
C GLU A 36 6.79 -22.31 22.37
N VAL A 37 7.22 -22.39 21.11
CA VAL A 37 7.88 -21.29 20.42
C VAL A 37 7.09 -20.92 19.15
N VAL A 38 6.68 -19.64 19.06
CA VAL A 38 5.99 -19.07 17.90
C VAL A 38 6.91 -18.02 17.28
N GLU A 39 6.84 -17.86 15.95
CA GLU A 39 7.70 -16.91 15.26
C GLU A 39 6.90 -15.83 14.53
N SER A 40 7.49 -14.63 14.47
CA SER A 40 7.10 -13.60 13.53
C SER A 40 8.34 -13.20 12.73
N ASP A 41 8.56 -13.93 11.63
CA ASP A 41 9.62 -13.63 10.70
C ASP A 41 9.07 -12.59 9.74
N LEU A 42 9.30 -11.30 10.06
CA LEU A 42 8.56 -10.22 9.42
C LEU A 42 8.77 -10.21 7.91
N TYR A 43 10.01 -10.44 7.46
CA TYR A 43 10.26 -10.45 6.02
C TYR A 43 9.58 -11.64 5.36
N ALA A 44 9.66 -12.82 5.98
CA ALA A 44 9.07 -14.01 5.38
C ALA A 44 7.55 -13.89 5.33
N MET A 45 6.98 -13.14 6.28
CA MET A 45 5.55 -12.89 6.36
C MET A 45 5.11 -11.81 5.37
N ASN A 46 6.04 -11.12 4.71
CA ASN A 46 5.70 -9.94 3.92
C ASN A 46 4.91 -8.95 4.79
N PHE A 47 5.35 -8.78 6.03
CA PHE A 47 4.62 -7.94 6.96
C PHE A 47 4.57 -6.50 6.46
N ASN A 48 3.38 -5.91 6.49
CA ASN A 48 3.15 -4.53 6.14
C ASN A 48 3.49 -3.64 7.34
N PRO A 49 4.54 -2.81 7.28
CA PRO A 49 4.95 -2.03 8.43
C PRO A 49 4.41 -0.61 8.51
N ILE A 50 3.51 -0.24 7.60
CA ILE A 50 3.10 1.15 7.53
C ILE A 50 1.67 1.30 8.06
N ILE A 51 1.50 2.09 9.12
CA ILE A 51 0.21 2.46 9.66
C ILE A 51 -0.59 3.25 8.64
N SER A 52 -1.90 2.97 8.61
CA SER A 52 -2.79 3.68 7.70
C SER A 52 -4.23 3.40 8.11
N ARG A 53 -5.15 4.10 7.47
CA ARG A 53 -6.57 3.88 7.66
C ARG A 53 -7.01 2.45 7.32
N LYS A 54 -6.23 1.73 6.50
CA LYS A 54 -6.60 0.37 6.15
C LYS A 54 -6.32 -0.60 7.29
N ASP A 55 -5.77 -0.13 8.39
CA ASP A 55 -5.64 -0.93 9.61
C ASP A 55 -6.99 -1.10 10.29
N ILE A 56 -7.98 -0.31 9.90
CA ILE A 56 -9.34 -0.38 10.41
C ILE A 56 -10.21 -0.95 9.29
N THR A 57 -10.82 -2.12 9.53
CA THR A 57 -11.51 -2.90 8.51
C THR A 57 -12.99 -2.59 8.49
N GLY A 58 -13.28 -1.31 8.62
CA GLY A 58 -14.65 -0.84 8.53
C GLY A 58 -14.68 0.69 8.54
N LYS A 59 -15.89 1.21 8.79
CA LYS A 59 -16.21 2.63 8.85
C LYS A 59 -15.38 3.32 9.93
N LEU A 60 -14.77 4.44 9.56
CA LEU A 60 -13.94 5.22 10.47
C LEU A 60 -14.85 6.10 11.32
N LYS A 61 -14.42 6.43 12.54
CA LYS A 61 -15.16 7.36 13.37
C LYS A 61 -15.21 8.74 12.73
N ASP A 62 -14.09 9.25 12.22
CA ASP A 62 -14.01 10.59 11.68
C ASP A 62 -13.06 10.61 10.47
N PRO A 63 -13.53 10.22 9.27
CA PRO A 63 -12.66 10.12 8.09
C PRO A 63 -12.14 11.46 7.55
N ALA A 64 -12.78 12.55 7.97
CA ALA A 64 -12.41 13.91 7.57
C ALA A 64 -11.21 14.42 8.36
N ASN A 65 -11.04 13.91 9.59
N ASN A 65 -11.04 13.91 9.59
CA ASN A 65 -9.90 14.24 10.44
CA ASN A 65 -9.91 14.25 10.44
C ASN A 65 -9.39 12.93 11.03
C ASN A 65 -9.38 12.94 11.03
N PHE A 66 -8.70 12.14 10.20
CA PHE A 66 -8.27 10.80 10.58
C PHE A 66 -7.13 10.88 11.58
N GLN A 67 -7.35 10.32 12.77
CA GLN A 67 -6.39 10.32 13.86
CA GLN A 67 -6.39 10.32 13.86
C GLN A 67 -6.11 8.88 14.24
N TYR A 68 -4.92 8.39 13.88
CA TYR A 68 -4.63 6.98 14.01
C TYR A 68 -4.77 6.48 15.45
N PRO A 69 -4.23 7.19 16.46
CA PRO A 69 -4.32 6.67 17.84
C PRO A 69 -5.78 6.40 18.25
N ALA A 70 -6.66 7.39 18.12
CA ALA A 70 -8.05 7.20 18.53
C ALA A 70 -8.76 6.17 17.67
N GLU A 71 -8.51 6.19 16.34
CA GLU A 71 -9.23 5.30 15.43
C GLU A 71 -8.81 3.84 15.66
N SER A 72 -7.52 3.61 15.91
CA SER A 72 -7.02 2.25 16.08
C SER A 72 -7.55 1.67 17.39
N VAL A 73 -7.62 2.49 18.43
CA VAL A 73 -8.10 2.04 19.73
C VAL A 73 -9.56 1.61 19.62
N LEU A 74 -10.34 2.44 18.92
CA LEU A 74 -11.74 2.14 18.67
C LEU A 74 -11.86 0.79 17.94
N ALA A 75 -11.01 0.60 16.91
CA ALA A 75 -11.05 -0.63 16.14
C ALA A 75 -10.69 -1.82 17.03
N TYR A 76 -9.70 -1.63 17.90
CA TYR A 76 -9.27 -2.67 18.80
C TYR A 76 -10.47 -3.10 19.66
N LYS A 77 -11.16 -2.11 20.24
CA LYS A 77 -12.26 -2.37 21.16
C LYS A 77 -13.47 -2.99 20.47
N GLU A 78 -13.74 -2.59 19.22
CA GLU A 78 -14.92 -3.03 18.50
C GLU A 78 -14.66 -4.28 17.65
N GLY A 79 -13.38 -4.70 17.55
CA GLY A 79 -12.99 -5.90 16.81
C GLY A 79 -12.91 -5.69 15.29
N HIS A 80 -12.43 -4.51 14.90
CA HIS A 80 -12.34 -4.15 13.49
C HIS A 80 -10.89 -3.83 13.07
N LEU A 81 -9.88 -4.30 13.81
CA LEU A 81 -8.50 -4.17 13.34
C LEU A 81 -8.25 -5.15 12.20
N SER A 82 -7.34 -4.75 11.29
CA SER A 82 -6.92 -5.57 10.18
C SER A 82 -6.46 -6.94 10.72
N PRO A 83 -6.86 -8.05 10.07
CA PRO A 83 -6.50 -9.38 10.55
C PRO A 83 -5.02 -9.67 10.77
N ASP A 84 -4.14 -9.10 9.95
CA ASP A 84 -2.71 -9.29 10.15
C ASP A 84 -2.27 -8.73 11.51
N ILE A 85 -2.82 -7.59 11.91
CA ILE A 85 -2.53 -7.00 13.21
C ILE A 85 -3.07 -7.91 14.32
N VAL A 86 -4.32 -8.35 14.18
CA VAL A 86 -4.96 -9.22 15.17
C VAL A 86 -4.14 -10.48 15.39
N ALA A 87 -3.62 -11.06 14.31
CA ALA A 87 -2.80 -12.26 14.43
C ALA A 87 -1.56 -12.02 15.31
N GLU A 88 -0.92 -10.86 15.16
CA GLU A 88 0.27 -10.56 15.93
C GLU A 88 -0.10 -10.28 17.39
N GLN A 89 -1.19 -9.57 17.62
CA GLN A 89 -1.69 -9.31 18.96
C GLN A 89 -1.97 -10.63 19.70
N LYS A 90 -2.48 -11.63 18.98
CA LYS A 90 -2.78 -12.91 19.60
C LYS A 90 -1.49 -13.64 19.98
N LYS A 91 -0.47 -13.54 19.14
CA LYS A 91 0.83 -14.10 19.48
C LYS A 91 1.35 -13.47 20.77
N LEU A 92 1.23 -12.14 20.88
CA LEU A 92 1.73 -11.42 22.03
C LEU A 92 0.98 -11.82 23.29
N GLU A 93 -0.36 -11.85 23.20
CA GLU A 93 -1.18 -12.26 24.33
C GLU A 93 -0.73 -13.63 24.84
N ALA A 94 -0.40 -14.56 23.93
CA ALA A 94 -0.04 -15.92 24.31
C ALA A 94 1.36 -16.01 24.93
N ALA A 95 2.27 -15.11 24.52
CA ALA A 95 3.68 -15.28 24.85
C ALA A 95 3.99 -14.81 26.27
N ASP A 96 4.85 -15.59 26.96
CA ASP A 96 5.47 -15.17 28.22
C ASP A 96 6.74 -14.35 27.95
N LEU A 97 7.54 -14.85 27.02
CA LEU A 97 8.81 -14.26 26.65
C LEU A 97 8.74 -13.82 25.18
N VAL A 98 9.23 -12.61 24.90
CA VAL A 98 9.33 -12.10 23.54
C VAL A 98 10.78 -11.72 23.25
N ILE A 99 11.36 -12.38 22.25
CA ILE A 99 12.70 -12.11 21.79
C ILE A 99 12.58 -11.32 20.48
N PHE A 100 13.29 -10.20 20.41
CA PHE A 100 13.46 -9.44 19.19
C PHE A 100 14.88 -9.64 18.67
N GLN A 101 14.99 -10.30 17.51
CA GLN A 101 16.25 -10.59 16.87
C GLN A 101 16.37 -9.72 15.62
N PHE A 102 17.38 -8.84 15.61
CA PHE A 102 17.56 -7.94 14.49
C PHE A 102 18.98 -7.41 14.40
N PRO A 103 19.42 -7.03 13.19
CA PRO A 103 20.62 -6.23 13.02
C PRO A 103 20.32 -4.78 13.41
N LEU A 104 21.26 -4.16 14.12
CA LEU A 104 21.16 -2.73 14.33
C LEU A 104 21.24 -2.03 12.97
N GLN A 105 20.28 -1.13 12.72
CA GLN A 105 20.21 -0.36 11.50
C GLN A 105 19.99 1.10 11.86
N TRP A 106 20.96 1.94 11.50
CA TRP A 106 20.86 3.38 11.75
C TRP A 106 20.50 3.61 13.21
N PHE A 107 21.26 2.93 14.09
CA PHE A 107 21.21 3.14 15.54
CA PHE A 107 21.21 3.10 15.53
C PHE A 107 19.83 2.77 16.09
N GLY A 108 19.10 1.87 15.43
CA GLY A 108 17.80 1.48 15.92
C GLY A 108 17.31 0.19 15.27
N VAL A 109 16.01 -0.06 15.44
CA VAL A 109 15.39 -1.25 14.88
C VAL A 109 15.17 -1.03 13.39
N PRO A 110 15.22 -2.10 12.56
CA PRO A 110 14.82 -2.00 11.16
C PRO A 110 13.41 -1.41 11.00
N ALA A 111 13.17 -0.69 9.90
CA ALA A 111 11.89 -0.09 9.63
C ALA A 111 10.76 -1.12 9.74
N ILE A 112 10.96 -2.35 9.28
CA ILE A 112 9.91 -3.35 9.28
C ILE A 112 9.49 -3.69 10.72
N LEU A 113 10.44 -3.67 11.65
CA LEU A 113 10.19 -3.92 13.06
C LEU A 113 9.61 -2.68 13.72
N LYS A 114 10.13 -1.49 13.39
CA LYS A 114 9.51 -0.26 13.89
C LYS A 114 8.03 -0.22 13.56
N GLY A 115 7.70 -0.60 12.32
CA GLY A 115 6.31 -0.55 11.87
C GLY A 115 5.47 -1.63 12.53
N TRP A 116 6.07 -2.78 12.84
CA TRP A 116 5.40 -3.80 13.63
C TRP A 116 4.98 -3.23 14.99
N PHE A 117 5.87 -2.51 15.68
CA PHE A 117 5.47 -1.82 16.90
C PHE A 117 4.32 -0.87 16.65
N GLU A 118 4.42 -0.07 15.59
CA GLU A 118 3.45 0.97 15.31
C GLU A 118 2.07 0.37 15.03
N ARG A 119 2.00 -0.71 14.23
CA ARG A 119 0.71 -1.29 13.89
C ARG A 119 0.18 -2.25 14.97
N VAL A 120 1.07 -2.86 15.77
CA VAL A 120 0.65 -3.94 16.65
C VAL A 120 0.43 -3.44 18.08
N PHE A 121 1.29 -2.53 18.56
CA PHE A 121 1.16 -2.01 19.92
C PHE A 121 0.12 -0.90 19.95
N ILE A 122 -1.14 -1.28 19.79
CA ILE A 122 -2.25 -0.36 19.78
C ILE A 122 -2.64 -0.03 21.23
N GLY A 123 -3.10 1.19 21.44
CA GLY A 123 -3.63 1.63 22.72
C GLY A 123 -4.70 0.67 23.24
N GLU A 124 -4.76 0.56 24.59
CA GLU A 124 -5.66 -0.32 25.31
C GLU A 124 -5.12 -1.75 25.28
N PHE A 125 -4.77 -2.24 24.09
CA PHE A 125 -4.15 -3.54 23.95
C PHE A 125 -2.76 -3.57 24.61
N ALA A 126 -1.88 -2.62 24.23
CA ALA A 126 -0.46 -2.73 24.60
C ALA A 126 -0.07 -1.71 25.65
N TYR A 127 -0.83 -0.62 25.79
CA TYR A 127 -0.53 0.41 26.75
C TYR A 127 -1.81 1.17 27.07
N THR A 128 -1.79 1.88 28.19
CA THR A 128 -2.76 2.91 28.47
C THR A 128 -2.06 4.00 29.29
N TYR A 129 -2.51 5.25 29.12
CA TYR A 129 -2.07 6.36 29.96
C TYR A 129 -2.45 6.12 31.43
N ALA A 130 -3.58 5.45 31.66
CA ALA A 130 -4.04 5.18 33.01
C ALA A 130 -3.08 4.24 33.74
N ALA A 131 -2.28 3.47 33.00
CA ALA A 131 -1.38 2.48 33.58
C ALA A 131 -0.11 2.34 32.73
N MET A 132 0.72 3.39 32.74
CA MET A 132 1.96 3.41 31.96
C MET A 132 3.01 2.53 32.63
N TYR A 133 3.98 2.08 31.82
CA TYR A 133 5.23 1.51 32.31
C TYR A 133 4.94 0.27 33.14
N ASP A 134 5.41 0.21 34.40
CA ASP A 134 5.36 -1.01 35.19
C ASP A 134 3.93 -1.47 35.49
N LYS A 135 2.91 -0.65 35.25
CA LYS A 135 1.52 -1.06 35.43
C LYS A 135 0.87 -1.49 34.11
N GLY A 136 1.67 -1.57 33.03
CA GLY A 136 1.10 -1.77 31.71
C GLY A 136 0.67 -3.22 31.45
N PRO A 137 -0.07 -3.43 30.34
CA PRO A 137 -0.62 -4.75 30.02
C PRO A 137 0.33 -5.92 29.95
N PHE A 138 1.62 -5.67 29.64
CA PHE A 138 2.57 -6.74 29.42
C PHE A 138 3.46 -6.99 30.64
N ARG A 139 3.05 -6.47 31.80
CA ARG A 139 3.89 -6.55 33.00
C ARG A 139 4.16 -7.99 33.48
N SER A 140 3.37 -8.97 33.02
N SER A 140 3.36 -8.96 33.02
CA SER A 140 3.65 -10.35 33.39
CA SER A 140 3.62 -10.36 33.37
C SER A 140 4.56 -11.02 32.37
C SER A 140 4.55 -11.02 32.38
N LYS A 141 4.96 -10.28 31.33
CA LYS A 141 5.82 -10.80 30.29
C LYS A 141 7.24 -10.22 30.40
N LYS A 142 8.16 -10.89 29.77
CA LYS A 142 9.54 -10.45 29.67
C LYS A 142 9.90 -10.31 28.20
N ALA A 143 10.68 -9.29 27.89
CA ALA A 143 11.16 -9.03 26.53
C ALA A 143 12.68 -8.89 26.56
N VAL A 144 13.33 -9.30 25.48
CA VAL A 144 14.76 -9.18 25.34
C VAL A 144 15.11 -8.82 23.90
N LEU A 145 16.07 -7.91 23.73
CA LEU A 145 16.64 -7.58 22.44
C LEU A 145 17.88 -8.43 22.21
N SER A 146 17.96 -9.06 21.03
CA SER A 146 19.17 -9.69 20.56
C SER A 146 19.60 -8.99 19.28
N ILE A 147 20.71 -8.25 19.37
CA ILE A 147 21.13 -7.31 18.35
C ILE A 147 22.51 -7.69 17.81
N THR A 148 22.65 -7.65 16.49
CA THR A 148 23.96 -7.75 15.86
C THR A 148 24.36 -6.37 15.34
N THR A 149 25.66 -6.06 15.32
CA THR A 149 26.12 -4.78 14.81
C THR A 149 27.28 -5.00 13.85
N GLY A 150 27.47 -4.03 12.95
CA GLY A 150 28.68 -3.90 12.14
C GLY A 150 29.84 -3.34 12.96
N GLY A 151 29.55 -2.31 13.76
CA GLY A 151 30.57 -1.64 14.57
C GLY A 151 31.04 -2.51 15.72
N SER A 152 32.31 -2.34 16.11
CA SER A 152 32.89 -3.03 17.25
C SER A 152 32.34 -2.48 18.56
N GLY A 153 32.47 -3.30 19.61
CA GLY A 153 32.08 -2.97 20.97
C GLY A 153 32.76 -1.68 21.45
N SER A 154 34.03 -1.51 21.09
CA SER A 154 34.78 -0.33 21.51
C SER A 154 34.16 0.95 20.94
N MET A 155 33.61 0.88 19.73
CA MET A 155 33.02 2.05 19.11
C MET A 155 31.81 2.55 19.91
N TYR A 156 31.19 1.63 20.67
CA TYR A 156 29.98 1.91 21.44
C TYR A 156 30.25 1.99 22.94
N SER A 157 31.53 1.96 23.33
CA SER A 157 31.95 2.18 24.70
C SER A 157 31.78 3.65 25.04
N LEU A 158 31.98 4.01 26.31
CA LEU A 158 31.86 5.41 26.71
C LEU A 158 32.81 6.32 25.92
N GLN A 159 34.01 5.81 25.60
CA GLN A 159 35.04 6.59 24.91
C GLN A 159 35.05 6.33 23.40
N GLY A 160 34.07 5.58 22.89
CA GLY A 160 34.02 5.18 21.50
C GLY A 160 33.37 6.24 20.62
N ILE A 161 33.77 6.28 19.34
CA ILE A 161 33.31 7.28 18.39
C ILE A 161 31.78 7.36 18.34
N HIS A 162 31.07 6.21 18.43
CA HIS A 162 29.61 6.24 18.36
C HIS A 162 28.97 6.71 19.65
N GLY A 163 29.73 6.58 20.76
CA GLY A 163 29.18 6.88 22.07
C GLY A 163 28.42 5.68 22.64
N ASP A 164 27.88 5.90 23.82
CA ASP A 164 27.43 4.85 24.70
C ASP A 164 26.23 4.10 24.13
N MET A 165 26.37 2.78 23.96
CA MET A 165 25.28 1.91 23.53
C MET A 165 24.08 2.04 24.47
N ASN A 166 24.31 2.30 25.77
CA ASN A 166 23.20 2.42 26.70
C ASN A 166 22.20 3.47 26.24
N VAL A 167 22.69 4.56 25.64
CA VAL A 167 21.83 5.64 25.17
C VAL A 167 21.04 5.19 23.93
N ILE A 168 21.68 4.44 23.05
CA ILE A 168 21.02 3.89 21.86
C ILE A 168 19.87 2.96 22.25
N LEU A 169 20.07 2.13 23.27
CA LEU A 169 19.07 1.14 23.65
C LEU A 169 17.87 1.78 24.35
N TRP A 170 18.07 2.93 25.00
CA TRP A 170 17.07 3.49 25.89
C TRP A 170 15.69 3.70 25.21
N PRO A 171 15.57 4.41 24.07
CA PRO A 171 14.26 4.66 23.50
C PRO A 171 13.48 3.39 23.16
N ILE A 172 14.18 2.31 22.84
CA ILE A 172 13.54 1.04 22.49
C ILE A 172 13.12 0.34 23.78
N GLN A 173 14.07 0.18 24.72
CA GLN A 173 13.83 -0.64 25.89
C GLN A 173 12.89 0.05 26.85
N SER A 174 13.07 1.35 27.07
CA SER A 174 12.17 2.07 27.95
C SER A 174 10.91 2.51 27.19
N GLY A 175 11.10 3.16 26.04
CA GLY A 175 10.01 3.87 25.40
C GLY A 175 9.00 2.95 24.69
N ILE A 176 9.47 1.83 24.17
CA ILE A 176 8.60 0.88 23.51
C ILE A 176 8.26 -0.27 24.45
N LEU A 177 9.26 -1.03 24.94
CA LEU A 177 8.99 -2.27 25.65
C LEU A 177 8.48 -2.02 27.07
N HIS A 178 9.23 -1.22 27.85
CA HIS A 178 8.87 -0.99 29.24
C HIS A 178 7.59 -0.16 29.35
N PHE A 179 7.36 0.78 28.42
CA PHE A 179 6.15 1.59 28.40
C PHE A 179 4.89 0.71 28.45
N CYS A 180 4.93 -0.43 27.75
CA CYS A 180 3.80 -1.35 27.64
C CYS A 180 3.75 -2.33 28.81
N GLY A 181 4.72 -2.26 29.72
CA GLY A 181 4.69 -3.10 30.90
C GLY A 181 5.80 -4.13 30.95
N PHE A 182 6.43 -4.44 29.81
CA PHE A 182 7.38 -5.55 29.81
C PHE A 182 8.46 -5.34 30.87
N GLN A 183 8.83 -6.43 31.52
CA GLN A 183 10.15 -6.51 32.15
C GLN A 183 11.18 -6.75 31.07
N VAL A 184 12.21 -5.92 31.01
CA VAL A 184 13.20 -6.00 29.95
C VAL A 184 14.47 -6.66 30.50
N LEU A 185 14.85 -7.78 29.89
CA LEU A 185 16.06 -8.49 30.24
C LEU A 185 17.26 -7.85 29.56
N GLU A 186 18.45 -8.16 30.09
CA GLU A 186 19.70 -7.70 29.51
C GLU A 186 19.75 -8.04 28.03
N PRO A 187 20.07 -7.09 27.15
CA PRO A 187 20.16 -7.38 25.71
C PRO A 187 21.32 -8.31 25.40
N GLN A 188 21.11 -9.19 24.42
CA GLN A 188 22.21 -9.93 23.84
C GLN A 188 22.82 -9.06 22.75
N LEU A 189 24.05 -8.57 22.99
CA LEU A 189 24.71 -7.66 22.07
C LEU A 189 25.82 -8.42 21.36
N THR A 190 25.67 -8.61 20.05
CA THR A 190 26.68 -9.30 19.25
C THR A 190 27.38 -8.29 18.33
N TYR A 191 28.54 -7.80 18.78
CA TYR A 191 29.24 -6.73 18.08
C TYR A 191 30.10 -7.25 16.93
N SER A 192 30.25 -6.40 15.91
CA SER A 192 31.09 -6.60 14.74
C SER A 192 31.03 -8.04 14.25
N ILE A 193 29.83 -8.49 13.94
CA ILE A 193 29.60 -9.87 13.57
C ILE A 193 30.21 -10.14 12.20
N GLY A 194 30.40 -9.08 11.38
CA GLY A 194 30.99 -9.22 10.06
C GLY A 194 32.51 -9.42 10.11
N HIS A 195 33.12 -9.24 11.29
CA HIS A 195 34.56 -9.37 11.47
C HIS A 195 34.89 -10.52 12.42
N THR A 196 33.89 -11.32 12.79
CA THR A 196 34.09 -12.38 13.77
C THR A 196 34.47 -13.64 13.01
N PRO A 197 35.57 -14.35 13.39
CA PRO A 197 35.96 -15.59 12.74
C PRO A 197 34.95 -16.71 12.95
N ALA A 198 34.92 -17.67 12.02
CA ALA A 198 33.93 -18.73 11.96
C ALA A 198 33.77 -19.47 13.29
N ASP A 199 34.89 -19.77 13.95
CA ASP A 199 34.87 -20.57 15.17
C ASP A 199 34.23 -19.81 16.32
N ALA A 200 34.46 -18.49 16.33
CA ALA A 200 33.93 -17.62 17.36
C ALA A 200 32.43 -17.41 17.16
N ARG A 201 31.98 -17.37 15.90
CA ARG A 201 30.56 -17.27 15.59
C ARG A 201 29.82 -18.48 16.13
N ILE A 202 30.41 -19.67 15.98
CA ILE A 202 29.83 -20.88 16.54
C ILE A 202 29.68 -20.72 18.05
N GLN A 203 30.68 -20.11 18.69
CA GLN A 203 30.64 -19.93 20.14
C GLN A 203 29.54 -18.93 20.54
N ILE A 204 29.27 -17.94 19.69
CA ILE A 204 28.25 -16.95 19.97
C ILE A 204 26.89 -17.64 20.02
N LEU A 205 26.65 -18.53 19.05
CA LEU A 205 25.39 -19.27 18.99
C LEU A 205 25.22 -20.12 20.24
N GLU A 206 26.31 -20.81 20.64
CA GLU A 206 26.27 -21.68 21.81
C GLU A 206 26.00 -20.91 23.09
N GLY A 207 26.62 -19.72 23.23
CA GLY A 207 26.44 -18.88 24.40
C GLY A 207 25.00 -18.38 24.56
N TRP A 208 24.37 -18.09 23.41
CA TRP A 208 23.00 -17.61 23.39
C TRP A 208 22.04 -18.74 23.82
N LYS A 209 22.25 -19.94 23.29
CA LYS A 209 21.48 -21.11 23.68
C LYS A 209 21.61 -21.35 25.18
N LYS A 210 22.84 -21.27 25.69
CA LYS A 210 23.12 -21.51 27.10
C LYS A 210 22.34 -20.51 27.95
N ARG A 211 22.41 -19.22 27.59
CA ARG A 211 21.70 -18.20 28.34
C ARG A 211 20.21 -18.53 28.38
N LEU A 212 19.65 -18.97 27.25
CA LEU A 212 18.22 -19.15 27.11
C LEU A 212 17.71 -20.30 27.98
N GLU A 213 18.61 -21.23 28.34
CA GLU A 213 18.25 -22.33 29.22
C GLU A 213 17.68 -21.83 30.54
N ASN A 214 18.11 -20.65 31.02
CA ASN A 214 17.72 -20.13 32.32
C ASN A 214 17.21 -18.69 32.25
N ILE A 215 16.72 -18.27 31.07
CA ILE A 215 16.41 -16.87 30.80
C ILE A 215 15.38 -16.35 31.79
N TRP A 216 14.38 -17.18 32.14
CA TRP A 216 13.27 -16.72 32.94
C TRP A 216 13.67 -16.38 34.37
N ASP A 217 14.85 -16.83 34.81
CA ASP A 217 15.29 -16.57 36.18
C ASP A 217 16.09 -15.28 36.30
N GLU A 218 16.45 -14.65 35.18
CA GLU A 218 17.33 -13.50 35.24
C GLU A 218 16.66 -12.31 35.90
N THR A 219 17.47 -11.46 36.53
CA THR A 219 17.02 -10.16 37.01
C THR A 219 16.86 -9.24 35.81
N PRO A 220 15.73 -8.53 35.66
CA PRO A 220 15.58 -7.59 34.55
C PRO A 220 16.34 -6.29 34.78
N LEU A 221 16.42 -5.48 33.72
CA LEU A 221 16.99 -4.14 33.79
C LEU A 221 16.20 -3.28 34.76
N TYR A 222 16.90 -2.29 35.31
CA TYR A 222 16.28 -1.32 36.22
C TYR A 222 15.79 -0.09 35.47
N PHE A 223 14.49 0.17 35.63
CA PHE A 223 13.86 1.42 35.27
C PHE A 223 13.24 2.03 36.52
N ALA A 224 13.16 3.36 36.56
CA ALA A 224 12.49 4.05 37.64
C ALA A 224 11.05 3.58 37.74
N PRO A 225 10.57 3.06 38.90
CA PRO A 225 9.18 2.68 39.06
C PRO A 225 8.24 3.87 38.85
N SER A 226 7.05 3.60 38.31
CA SER A 226 6.08 4.66 38.07
C SER A 226 5.59 5.28 39.39
N SER A 227 5.69 4.52 40.50
CA SER A 227 5.33 5.00 41.83
C SER A 227 6.16 6.22 42.24
N LEU A 228 7.28 6.51 41.56
CA LEU A 228 8.08 7.69 41.86
C LEU A 228 7.49 8.96 41.26
N PHE A 229 6.45 8.83 40.44
CA PHE A 229 5.92 9.94 39.67
C PHE A 229 4.46 10.20 40.01
N ASP A 230 4.07 11.48 39.83
CA ASP A 230 2.66 11.88 39.92
C ASP A 230 2.06 11.81 38.51
N LEU A 231 1.27 10.76 38.25
CA LEU A 231 0.90 10.37 36.89
C LEU A 231 -0.41 10.98 36.47
N ASN A 232 -0.42 12.29 36.35
CA ASN A 232 -1.62 13.01 35.94
C ASN A 232 -1.17 14.34 35.35
N PHE A 233 -2.05 14.94 34.54
CA PHE A 233 -1.73 16.12 33.74
C PHE A 233 -1.46 17.32 34.65
N GLN A 234 -2.18 17.40 35.78
CA GLN A 234 -2.04 18.53 36.68
C GLN A 234 -0.62 18.56 37.24
N ALA A 235 -0.06 17.38 37.53
CA ALA A 235 1.28 17.28 38.09
C ALA A 235 2.34 17.28 37.00
N GLY A 236 1.91 17.25 35.72
CA GLY A 236 2.81 17.24 34.58
C GLY A 236 3.58 15.93 34.42
N PHE A 237 3.08 14.85 35.04
CA PHE A 237 3.73 13.55 35.03
C PHE A 237 5.16 13.66 35.56
N LEU A 238 5.35 14.55 36.54
CA LEU A 238 6.67 14.77 37.12
C LEU A 238 6.91 13.87 38.32
N MET A 239 8.19 13.60 38.57
CA MET A 239 8.67 12.86 39.73
C MET A 239 8.15 13.58 40.98
N LYS A 240 7.73 12.80 41.98
CA LYS A 240 7.21 13.36 43.22
C LYS A 240 8.30 14.19 43.90
N LYS A 241 7.91 15.31 44.53
CA LYS A 241 8.83 16.22 45.21
C LYS A 241 9.69 15.48 46.23
N GLU A 242 9.07 14.58 47.00
CA GLU A 242 9.73 13.84 48.06
C GLU A 242 10.79 12.89 47.47
N VAL A 243 10.50 12.34 46.27
CA VAL A 243 11.46 11.52 45.56
C VAL A 243 12.61 12.38 45.04
N GLN A 244 12.29 13.57 44.50
CA GLN A 244 13.30 14.46 43.98
C GLN A 244 14.27 14.87 45.09
N ASP A 245 13.73 15.11 46.29
CA ASP A 245 14.52 15.52 47.44
C ASP A 245 15.47 14.39 47.83
N GLU A 246 14.91 13.18 47.94
CA GLU A 246 15.68 11.99 48.26
C GLU A 246 16.79 11.75 47.25
N GLU A 247 16.51 11.97 45.95
CA GLU A 247 17.46 11.56 44.93
C GLU A 247 18.66 12.51 44.86
N LYS A 248 18.50 13.73 45.38
CA LYS A 248 19.58 14.70 45.42
C LYS A 248 20.79 14.19 46.22
N ASN A 249 20.61 13.14 47.03
CA ASN A 249 21.72 12.57 47.78
C ASN A 249 22.35 11.38 47.07
N LYS A 250 21.84 11.01 45.89
CA LYS A 250 22.37 9.85 45.19
C LYS A 250 23.29 10.35 44.08
N LYS A 251 24.39 9.64 43.85
CA LYS A 251 25.42 10.09 42.94
C LYS A 251 24.93 9.97 41.49
N PHE A 252 24.29 8.83 41.23
CA PHE A 252 23.85 8.45 39.91
C PHE A 252 22.38 8.78 39.75
N GLY A 253 22.01 9.16 38.52
CA GLY A 253 20.59 9.21 38.21
C GLY A 253 19.98 7.80 38.27
N LEU A 254 18.65 7.74 38.11
CA LEU A 254 17.90 6.51 38.24
C LEU A 254 18.15 5.59 37.05
N SER A 255 18.27 6.19 35.87
CA SER A 255 18.45 5.43 34.64
C SER A 255 19.01 6.33 33.55
N VAL A 256 19.15 5.82 32.34
CA VAL A 256 19.61 6.63 31.23
C VAL A 256 18.70 7.84 31.01
N GLY A 257 17.37 7.62 30.89
CA GLY A 257 16.48 8.73 30.62
C GLY A 257 16.24 9.60 31.87
N HIS A 258 16.29 8.96 33.04
CA HIS A 258 16.11 9.66 34.31
C HIS A 258 17.48 9.87 34.95
N HIS A 259 18.40 10.46 34.17
CA HIS A 259 19.75 10.71 34.62
C HIS A 259 19.77 11.90 35.58
N LEU A 260 18.77 12.78 35.48
CA LEU A 260 18.55 13.91 36.39
C LEU A 260 19.70 14.90 36.36
N GLY A 261 20.48 14.93 35.27
CA GLY A 261 21.60 15.85 35.14
C GLY A 261 22.84 15.36 35.90
N LYS A 262 22.82 14.09 36.33
CA LYS A 262 23.95 13.49 37.01
C LYS A 262 24.55 12.37 36.17
N SER A 263 25.53 11.66 36.76
CA SER A 263 26.09 10.46 36.18
C SER A 263 24.99 9.41 35.92
N ILE A 264 25.02 8.85 34.72
CA ILE A 264 24.21 7.70 34.38
C ILE A 264 24.79 6.47 35.04
N PRO A 265 23.96 5.65 35.77
CA PRO A 265 24.44 4.41 36.37
C PRO A 265 25.03 3.57 35.25
N THR A 266 26.17 2.94 35.50
CA THR A 266 26.91 2.35 34.39
C THR A 266 26.14 1.12 33.88
N ASP A 267 26.06 1.00 32.55
CA ASP A 267 25.40 -0.13 31.91
C ASP A 267 23.96 -0.29 32.39
N ASN A 268 23.24 0.83 32.59
CA ASN A 268 21.86 0.80 33.02
C ASN A 268 20.96 0.02 32.04
N GLN A 269 21.23 0.12 30.73
CA GLN A 269 20.39 -0.54 29.74
C GLN A 269 21.03 -1.83 29.22
N ILE A 270 22.13 -2.27 29.83
CA ILE A 270 22.89 -3.42 29.35
C ILE A 270 22.98 -4.50 30.44
N LYS A 271 23.11 -4.10 31.69
CA LYS A 271 23.25 -5.00 32.81
C LYS A 271 22.28 -4.66 33.92
N ALA A 272 21.68 -5.70 34.49
CA ALA A 272 20.82 -5.61 35.64
C ALA A 272 21.67 -5.20 36.86
N ARG A 273 21.05 -4.55 37.85
CA ARG A 273 21.63 -4.48 39.18
C ARG A 273 21.88 -5.91 39.72
N GLY B 3 20.76 31.78 -4.28
CA GLY B 3 19.63 31.05 -3.66
C GLY B 3 20.01 29.60 -3.34
N ARG B 4 19.73 29.18 -2.10
CA ARG B 4 20.07 27.83 -1.67
C ARG B 4 18.89 26.89 -1.93
N ARG B 5 19.15 25.58 -1.74
CA ARG B 5 18.17 24.54 -2.04
C ARG B 5 17.80 23.78 -0.75
N ALA B 6 16.50 23.58 -0.55
CA ALA B 6 15.98 22.85 0.60
C ALA B 6 15.22 21.60 0.13
N LEU B 7 15.35 20.50 0.91
CA LEU B 7 14.52 19.32 0.78
C LEU B 7 13.72 19.16 2.08
N ILE B 8 12.39 19.06 1.96
CA ILE B 8 11.54 18.76 3.10
C ILE B 8 11.02 17.34 2.96
N VAL B 9 11.37 16.52 3.95
CA VAL B 9 10.91 15.14 4.03
C VAL B 9 9.80 15.09 5.08
N LEU B 10 8.58 14.77 4.64
CA LEU B 10 7.41 14.70 5.50
C LEU B 10 7.00 13.24 5.68
N ALA B 11 6.71 12.85 6.95
CA ALA B 11 6.23 11.51 7.26
C ALA B 11 4.90 11.59 8.02
N HIS B 12 3.82 11.92 7.32
CA HIS B 12 2.48 11.91 7.87
C HIS B 12 1.47 11.66 6.76
N SER B 13 0.51 10.76 7.00
CA SER B 13 -0.47 10.34 5.99
C SER B 13 -1.54 11.40 5.70
N GLU B 14 -1.82 12.32 6.63
CA GLU B 14 -2.99 13.18 6.53
C GLU B 14 -2.66 14.62 6.12
N ARG B 15 -3.32 15.10 5.06
CA ARG B 15 -3.19 16.47 4.59
C ARG B 15 -3.80 17.45 5.62
N THR B 16 -4.68 16.93 6.47
CA THR B 16 -5.38 17.70 7.48
C THR B 16 -4.55 17.86 8.76
N SER B 17 -3.35 17.25 8.79
CA SER B 17 -2.56 17.19 10.00
C SER B 17 -1.82 18.50 10.24
N PHE B 18 -1.37 18.66 11.49
CA PHE B 18 -0.53 19.79 11.80
C PHE B 18 0.84 19.62 11.12
N ASN B 19 1.28 18.36 11.02
CA ASN B 19 2.53 18.06 10.34
C ASN B 19 2.50 18.60 8.91
N TYR B 20 1.39 18.38 8.21
N TYR B 20 1.39 18.38 8.21
CA TYR B 20 1.27 18.86 6.84
CA TYR B 20 1.27 18.86 6.84
C TYR B 20 1.30 20.38 6.83
C TYR B 20 1.31 20.39 6.83
N ALA B 21 0.66 21.01 7.81
CA ALA B 21 0.63 22.46 7.89
C ALA B 21 2.05 23.02 8.06
N MET B 22 2.86 22.32 8.87
CA MET B 22 4.23 22.74 9.12
C MET B 22 5.08 22.61 7.87
N LYS B 23 4.82 21.55 7.08
CA LYS B 23 5.52 21.37 5.82
C LYS B 23 5.18 22.54 4.89
N GLU B 24 3.89 22.86 4.80
CA GLU B 24 3.43 23.95 3.95
C GLU B 24 4.03 25.29 4.39
N ALA B 25 4.06 25.52 5.71
CA ALA B 25 4.62 26.76 6.23
C ALA B 25 6.10 26.86 5.90
N ALA B 26 6.84 25.78 6.09
CA ALA B 26 8.26 25.75 5.78
C ALA B 26 8.50 26.07 4.31
N ALA B 27 7.72 25.44 3.42
CA ALA B 27 7.90 25.62 2.00
C ALA B 27 7.67 27.09 1.62
N ALA B 28 6.61 27.68 2.18
CA ALA B 28 6.22 29.05 1.87
C ALA B 28 7.28 30.03 2.34
N ALA B 29 7.79 29.85 3.56
CA ALA B 29 8.77 30.75 4.14
C ALA B 29 10.09 30.69 3.37
N LEU B 30 10.50 29.48 2.99
CA LEU B 30 11.78 29.30 2.32
C LEU B 30 11.72 29.87 0.90
N LYS B 31 10.59 29.62 0.20
CA LYS B 31 10.40 30.15 -1.15
C LYS B 31 10.38 31.67 -1.15
N LYS B 32 9.74 32.27 -0.14
CA LYS B 32 9.66 33.71 -0.02
C LYS B 32 11.07 34.33 0.04
N LYS B 33 12.01 33.61 0.66
CA LYS B 33 13.38 34.08 0.79
C LYS B 33 14.26 33.58 -0.36
N GLY B 34 13.64 33.04 -1.42
CA GLY B 34 14.36 32.70 -2.64
C GLY B 34 15.02 31.32 -2.63
N TRP B 35 14.67 30.45 -1.66
CA TRP B 35 15.12 29.07 -1.71
C TRP B 35 14.35 28.33 -2.80
N GLU B 36 15.04 27.38 -3.44
CA GLU B 36 14.39 26.30 -4.17
C GLU B 36 14.03 25.20 -3.18
N VAL B 37 12.75 24.77 -3.18
CA VAL B 37 12.24 23.80 -2.21
C VAL B 37 11.72 22.57 -2.97
N VAL B 38 12.27 21.40 -2.62
CA VAL B 38 11.85 20.11 -3.14
C VAL B 38 11.25 19.32 -1.97
N GLU B 39 10.27 18.46 -2.25
CA GLU B 39 9.59 17.71 -1.19
C GLU B 39 9.68 16.21 -1.42
N SER B 40 9.71 15.47 -0.30
CA SER B 40 9.47 14.04 -0.28
C SER B 40 8.40 13.77 0.75
N ASP B 41 7.15 13.82 0.30
CA ASP B 41 6.00 13.45 1.09
C ASP B 41 5.86 11.93 0.99
N LEU B 42 6.45 11.21 1.95
CA LEU B 42 6.67 9.78 1.83
C LEU B 42 5.35 9.03 1.65
N TYR B 43 4.31 9.40 2.39
CA TYR B 43 3.02 8.74 2.25
C TYR B 43 2.40 9.07 0.89
N ALA B 44 2.48 10.33 0.46
CA ALA B 44 1.87 10.69 -0.82
C ALA B 44 2.60 10.01 -1.99
N MET B 45 3.89 9.74 -1.81
CA MET B 45 4.71 9.02 -2.77
C MET B 45 4.43 7.52 -2.75
N ASN B 46 3.75 7.02 -1.73
CA ASN B 46 3.67 5.59 -1.43
C ASN B 46 5.06 4.98 -1.44
N PHE B 47 5.96 5.67 -0.73
CA PHE B 47 7.36 5.29 -0.71
C PHE B 47 7.48 3.92 -0.07
N ASN B 48 8.25 3.04 -0.74
CA ASN B 48 8.58 1.71 -0.26
C ASN B 48 9.66 1.80 0.82
N PRO B 49 9.37 1.47 2.10
CA PRO B 49 10.35 1.69 3.17
C PRO B 49 11.18 0.47 3.55
N ILE B 50 11.07 -0.63 2.79
CA ILE B 50 11.72 -1.86 3.21
C ILE B 50 12.94 -2.15 2.34
N ILE B 51 14.13 -2.22 2.96
CA ILE B 51 15.35 -2.65 2.27
C ILE B 51 15.23 -4.10 1.82
N SER B 52 15.72 -4.39 0.61
CA SER B 52 15.73 -5.76 0.11
C SER B 52 16.64 -5.83 -1.11
N ARG B 53 16.81 -7.05 -1.64
CA ARG B 53 17.54 -7.27 -2.88
C ARG B 53 16.95 -6.52 -4.06
N LYS B 54 15.66 -6.19 -4.00
CA LYS B 54 15.01 -5.49 -5.11
C LYS B 54 15.50 -4.06 -5.24
N ASP B 55 16.28 -3.57 -4.25
CA ASP B 55 16.88 -2.25 -4.33
C ASP B 55 18.02 -2.21 -5.34
N ILE B 56 18.53 -3.39 -5.72
CA ILE B 56 19.67 -3.53 -6.61
C ILE B 56 19.17 -4.18 -7.90
N THR B 57 19.30 -3.46 -9.03
CA THR B 57 18.75 -3.92 -10.30
C THR B 57 19.81 -4.63 -11.15
N GLY B 58 21.09 -4.48 -10.81
CA GLY B 58 22.18 -5.13 -11.52
C GLY B 58 22.51 -6.51 -10.95
N LYS B 59 23.54 -7.14 -11.51
CA LYS B 59 24.03 -8.44 -11.08
C LYS B 59 24.64 -8.30 -9.68
N LEU B 60 24.24 -9.18 -8.76
CA LEU B 60 24.74 -9.17 -7.39
C LEU B 60 26.13 -9.79 -7.38
N LYS B 61 27.01 -9.30 -6.50
CA LYS B 61 28.31 -9.90 -6.31
C LYS B 61 28.15 -11.33 -5.78
N ASP B 62 27.29 -11.53 -4.76
CA ASP B 62 27.14 -12.81 -4.11
C ASP B 62 25.68 -13.04 -3.73
N PRO B 63 24.84 -13.52 -4.69
CA PRO B 63 23.41 -13.71 -4.44
C PRO B 63 23.06 -14.82 -3.45
N ALA B 64 24.03 -15.72 -3.19
CA ALA B 64 23.84 -16.83 -2.28
C ALA B 64 23.98 -16.39 -0.82
N ASN B 65 24.77 -15.33 -0.59
CA ASN B 65 24.99 -14.76 0.73
C ASN B 65 24.86 -13.24 0.59
N PHE B 66 23.60 -12.81 0.45
CA PHE B 66 23.26 -11.42 0.16
C PHE B 66 23.55 -10.55 1.39
N GLN B 67 24.41 -9.55 1.19
N GLN B 67 24.41 -9.55 1.19
CA GLN B 67 24.76 -8.60 2.23
CA GLN B 67 24.76 -8.59 2.22
C GLN B 67 24.40 -7.20 1.72
C GLN B 67 24.41 -7.19 1.72
N TYR B 68 23.37 -6.61 2.32
CA TYR B 68 22.81 -5.38 1.83
C TYR B 68 23.86 -4.28 1.80
N PRO B 69 24.67 -4.06 2.86
CA PRO B 69 25.65 -2.96 2.84
C PRO B 69 26.56 -3.03 1.61
N ALA B 70 27.24 -4.17 1.42
CA ALA B 70 28.21 -4.29 0.34
C ALA B 70 27.51 -4.24 -1.03
N GLU B 71 26.35 -4.89 -1.14
CA GLU B 71 25.68 -4.99 -2.44
C GLU B 71 25.12 -3.64 -2.85
N SER B 72 24.57 -2.89 -1.88
CA SER B 72 23.97 -1.61 -2.19
C SER B 72 25.05 -0.60 -2.61
N VAL B 73 26.21 -0.66 -1.96
CA VAL B 73 27.31 0.25 -2.25
C VAL B 73 27.77 0.02 -3.69
N LEU B 74 27.91 -1.26 -4.07
CA LEU B 74 28.26 -1.63 -5.44
C LEU B 74 27.24 -1.06 -6.41
N ALA B 75 25.95 -1.21 -6.08
CA ALA B 75 24.90 -0.72 -6.96
C ALA B 75 24.99 0.79 -7.10
N TYR B 76 25.27 1.46 -5.98
CA TYR B 76 25.39 2.91 -5.98
C TYR B 76 26.50 3.31 -6.95
N LYS B 77 27.65 2.65 -6.84
CA LYS B 77 28.85 3.02 -7.61
C LYS B 77 28.67 2.70 -9.09
N GLU B 78 27.98 1.59 -9.40
CA GLU B 78 27.84 1.12 -10.77
C GLU B 78 26.57 1.62 -11.42
N GLY B 79 25.71 2.32 -10.66
CA GLY B 79 24.53 2.98 -11.20
C GLY B 79 23.33 2.05 -11.36
N HIS B 80 23.20 1.02 -10.51
CA HIS B 80 22.07 0.11 -10.64
C HIS B 80 21.24 -0.01 -9.37
N LEU B 81 21.14 1.08 -8.60
CA LEU B 81 20.12 1.21 -7.56
C LEU B 81 18.74 1.37 -8.21
N SER B 82 17.71 0.90 -7.49
CA SER B 82 16.33 1.09 -7.86
C SER B 82 16.05 2.56 -8.15
N PRO B 83 15.33 2.89 -9.23
CA PRO B 83 15.07 4.29 -9.59
C PRO B 83 14.45 5.17 -8.49
N ASP B 84 13.56 4.61 -7.66
CA ASP B 84 12.98 5.39 -6.57
C ASP B 84 14.04 5.86 -5.59
N ILE B 85 15.04 5.02 -5.31
CA ILE B 85 16.15 5.39 -4.43
C ILE B 85 16.97 6.50 -5.10
N VAL B 86 17.31 6.30 -6.38
CA VAL B 86 18.12 7.27 -7.12
C VAL B 86 17.47 8.63 -7.10
N ALA B 87 16.14 8.68 -7.28
CA ALA B 87 15.43 9.95 -7.25
C ALA B 87 15.62 10.68 -5.92
N GLU B 88 15.58 9.94 -4.79
CA GLU B 88 15.74 10.56 -3.49
C GLU B 88 17.19 11.01 -3.29
N GLN B 89 18.15 10.19 -3.72
CA GLN B 89 19.56 10.55 -3.62
C GLN B 89 19.85 11.83 -4.39
N LYS B 90 19.19 12.03 -5.54
CA LYS B 90 19.40 13.24 -6.32
C LYS B 90 18.85 14.46 -5.59
N LYS B 91 17.71 14.31 -4.91
CA LYS B 91 17.18 15.41 -4.11
C LYS B 91 18.17 15.80 -3.02
N LEU B 92 18.73 14.78 -2.35
N LEU B 92 18.73 14.79 -2.35
CA LEU B 92 19.68 15.00 -1.26
CA LEU B 92 19.68 15.00 -1.26
C LEU B 92 20.94 15.67 -1.76
C LEU B 92 20.94 15.68 -1.76
N GLU B 93 21.50 15.17 -2.88
CA GLU B 93 22.69 15.76 -3.48
C GLU B 93 22.47 17.25 -3.74
N ALA B 94 21.28 17.61 -4.22
CA ALA B 94 20.98 18.98 -4.58
C ALA B 94 20.81 19.88 -3.36
N ALA B 95 20.33 19.31 -2.24
CA ALA B 95 19.87 20.13 -1.12
C ALA B 95 21.04 20.64 -0.28
N ASP B 96 20.93 21.90 0.13
CA ASP B 96 21.80 22.49 1.14
C ASP B 96 21.23 22.21 2.54
N LEU B 97 19.91 22.38 2.68
CA LEU B 97 19.20 22.19 3.93
C LEU B 97 18.20 21.05 3.76
N VAL B 98 18.11 20.18 4.77
CA VAL B 98 17.12 19.11 4.78
C VAL B 98 16.33 19.21 6.07
N ILE B 99 15.00 19.38 5.90
CA ILE B 99 14.07 19.43 7.00
C ILE B 99 13.33 18.08 7.04
N PHE B 100 13.30 17.45 8.22
CA PHE B 100 12.48 16.28 8.49
C PHE B 100 11.32 16.67 9.39
N GLN B 101 10.12 16.58 8.84
CA GLN B 101 8.89 16.90 9.52
C GLN B 101 8.13 15.61 9.81
N PHE B 102 7.93 15.30 11.11
CA PHE B 102 7.25 14.07 11.45
C PHE B 102 6.66 14.13 12.85
N PRO B 103 5.60 13.34 13.10
CA PRO B 103 5.14 13.07 14.45
C PRO B 103 6.07 12.06 15.12
N LEU B 104 6.41 12.32 16.39
CA LEU B 104 7.09 11.32 17.18
C LEU B 104 6.19 10.09 17.31
N GLN B 105 6.75 8.92 16.98
CA GLN B 105 6.07 7.65 17.09
C GLN B 105 6.98 6.64 17.79
N TRP B 106 6.51 6.12 18.91
CA TRP B 106 7.28 5.18 19.71
C TRP B 106 8.71 5.68 19.89
N PHE B 107 8.80 6.94 20.36
CA PHE B 107 10.05 7.59 20.77
C PHE B 107 11.05 7.64 19.62
N GLY B 108 10.55 7.74 18.38
CA GLY B 108 11.44 7.82 17.23
C GLY B 108 10.71 8.27 15.97
N VAL B 109 11.38 8.07 14.85
CA VAL B 109 10.83 8.42 13.55
C VAL B 109 9.82 7.36 13.14
N PRO B 110 8.76 7.75 12.39
CA PRO B 110 7.86 6.75 11.79
C PRO B 110 8.60 5.73 10.95
N ALA B 111 8.05 4.51 10.90
CA ALA B 111 8.67 3.44 10.14
C ALA B 111 8.97 3.88 8.70
N ILE B 112 8.05 4.64 8.08
CA ILE B 112 8.22 4.99 6.68
C ILE B 112 9.46 5.88 6.49
N LEU B 113 9.76 6.73 7.50
CA LEU B 113 10.95 7.57 7.46
C LEU B 113 12.19 6.77 7.84
N LYS B 114 12.10 5.87 8.83
CA LYS B 114 13.21 4.98 9.13
C LYS B 114 13.66 4.22 7.87
N GLY B 115 12.69 3.75 7.10
CA GLY B 115 12.97 2.96 5.91
C GLY B 115 13.56 3.82 4.79
N TRP B 116 13.15 5.09 4.73
CA TRP B 116 13.77 6.05 3.81
C TRP B 116 15.25 6.20 4.12
N PHE B 117 15.63 6.35 5.40
CA PHE B 117 17.03 6.39 5.76
C PHE B 117 17.74 5.11 5.31
N GLU B 118 17.10 3.96 5.57
CA GLU B 118 17.73 2.68 5.31
C GLU B 118 17.96 2.50 3.80
N ARG B 119 16.98 2.86 2.97
CA ARG B 119 17.12 2.65 1.53
C ARG B 119 17.93 3.74 0.83
N VAL B 120 17.93 4.96 1.40
CA VAL B 120 18.46 6.12 0.68
C VAL B 120 19.88 6.44 1.14
N PHE B 121 20.17 6.30 2.45
CA PHE B 121 21.50 6.61 2.97
C PHE B 121 22.41 5.41 2.77
N ILE B 122 22.75 5.17 1.50
CA ILE B 122 23.62 4.07 1.12
C ILE B 122 25.08 4.46 1.39
N GLY B 123 25.89 3.46 1.75
CA GLY B 123 27.32 3.64 1.91
C GLY B 123 27.95 4.30 0.69
N GLU B 124 29.01 5.09 0.95
CA GLU B 124 29.73 5.86 -0.06
C GLU B 124 28.95 7.11 -0.44
N PHE B 125 27.66 6.96 -0.74
CA PHE B 125 26.81 8.10 -1.01
C PHE B 125 26.64 8.95 0.25
N ALA B 126 26.23 8.34 1.36
CA ALA B 126 25.81 9.11 2.52
C ALA B 126 26.81 9.02 3.67
N TYR B 127 27.62 7.98 3.70
CA TYR B 127 28.59 7.81 4.77
C TYR B 127 29.74 6.95 4.26
N THR B 128 30.88 7.08 4.93
CA THR B 128 31.98 6.15 4.76
C THR B 128 32.67 6.06 6.10
N TYR B 129 33.14 4.94 6.55
CA TYR B 129 33.93 4.83 7.76
C TYR B 129 35.22 5.62 7.68
N ALA B 130 35.81 5.61 6.45
CA ALA B 130 37.07 6.33 6.22
C ALA B 130 36.88 7.80 6.61
N ALA B 131 35.63 8.28 6.62
CA ALA B 131 35.31 9.67 6.95
C ALA B 131 33.97 9.76 7.67
N MET B 132 33.92 9.24 8.91
CA MET B 132 32.71 9.27 9.72
C MET B 132 32.44 10.69 10.23
N TYR B 133 31.17 10.95 10.56
CA TYR B 133 30.77 12.10 11.36
C TYR B 133 31.16 13.40 10.64
N ASP B 134 31.93 14.28 11.30
CA ASP B 134 32.14 15.63 10.77
C ASP B 134 32.92 15.63 9.45
N LYS B 135 33.53 14.50 9.06
CA LYS B 135 34.20 14.39 7.76
C LYS B 135 33.31 13.74 6.70
N GLY B 136 32.03 13.53 6.99
CA GLY B 136 31.18 12.72 6.11
C GLY B 136 30.69 13.48 4.88
N PRO B 137 30.07 12.77 3.91
CA PRO B 137 29.65 13.36 2.64
C PRO B 137 28.75 14.58 2.71
N PHE B 138 27.94 14.68 3.78
CA PHE B 138 26.96 15.75 3.89
C PHE B 138 27.44 16.90 4.76
N ARG B 139 28.76 17.01 4.99
CA ARG B 139 29.30 18.03 5.89
C ARG B 139 29.05 19.46 5.40
N SER B 140 28.74 19.64 4.11
N SER B 140 28.75 19.65 4.11
CA SER B 140 28.41 20.95 3.59
CA SER B 140 28.41 20.97 3.61
C SER B 140 26.92 21.24 3.72
C SER B 140 26.91 21.24 3.71
N LYS B 141 26.15 20.28 4.25
CA LYS B 141 24.71 20.41 4.38
C LYS B 141 24.32 20.57 5.85
N LYS B 142 23.11 21.08 6.06
CA LYS B 142 22.54 21.19 7.38
C LYS B 142 21.22 20.42 7.40
N ALA B 143 20.93 19.78 8.53
CA ALA B 143 19.69 19.06 8.74
C ALA B 143 19.01 19.54 10.01
N VAL B 144 17.68 19.50 10.02
CA VAL B 144 16.90 19.87 11.19
C VAL B 144 15.69 18.95 11.31
N LEU B 145 15.41 18.52 12.54
CA LEU B 145 14.19 17.78 12.86
C LEU B 145 13.12 18.75 13.32
N SER B 146 11.93 18.63 12.73
CA SER B 146 10.72 19.28 13.22
C SER B 146 9.72 18.22 13.65
N ILE B 147 9.51 18.10 14.96
CA ILE B 147 8.81 16.98 15.58
C ILE B 147 7.59 17.49 16.32
N THR B 148 6.45 16.79 16.14
CA THR B 148 5.28 16.98 16.97
C THR B 148 5.12 15.79 17.90
N THR B 149 4.56 16.02 19.09
CA THR B 149 4.34 14.93 20.03
C THR B 149 2.92 14.98 20.55
N GLY B 150 2.44 13.81 21.00
CA GLY B 150 1.24 13.71 21.83
C GLY B 150 1.51 14.14 23.27
N GLY B 151 2.62 13.66 23.82
CA GLY B 151 2.99 13.92 25.21
C GLY B 151 3.42 15.38 25.41
N SER B 152 3.16 15.89 26.62
CA SER B 152 3.54 17.24 26.98
C SER B 152 5.05 17.33 27.20
N GLY B 153 5.56 18.57 27.11
CA GLY B 153 6.96 18.90 27.34
C GLY B 153 7.44 18.40 28.70
N SER B 154 6.58 18.50 29.71
CA SER B 154 6.95 18.11 31.07
C SER B 154 7.25 16.61 31.13
N MET B 155 6.53 15.80 30.36
CA MET B 155 6.74 14.36 30.37
C MET B 155 8.16 14.02 29.91
N TYR B 156 8.74 14.89 29.09
CA TYR B 156 10.06 14.70 28.48
C TYR B 156 11.15 15.55 29.12
N SER B 157 10.80 16.23 30.23
CA SER B 157 11.77 16.95 31.05
C SER B 157 12.63 15.94 31.80
N LEU B 158 13.69 16.41 32.47
CA LEU B 158 14.54 15.51 33.25
C LEU B 158 13.77 14.71 34.30
N GLN B 159 12.73 15.33 34.89
CA GLN B 159 11.94 14.74 35.95
C GLN B 159 10.64 14.11 35.43
N GLY B 160 10.46 14.10 34.10
CA GLY B 160 9.23 13.62 33.50
C GLY B 160 9.22 12.09 33.36
N ILE B 161 8.01 11.53 33.33
CA ILE B 161 7.83 10.08 33.28
C ILE B 161 8.59 9.45 32.11
N HIS B 162 8.63 10.13 30.96
CA HIS B 162 9.27 9.54 29.78
C HIS B 162 10.78 9.69 29.81
N GLY B 163 11.26 10.63 30.65
CA GLY B 163 12.68 10.94 30.71
C GLY B 163 13.08 11.93 29.62
N ASP B 164 14.38 12.23 29.61
CA ASP B 164 14.95 13.36 28.91
C ASP B 164 14.82 13.20 27.38
N MET B 165 14.19 14.17 26.74
CA MET B 165 14.07 14.22 25.29
C MET B 165 15.46 14.22 24.65
N ASN B 166 16.47 14.82 25.31
CA ASN B 166 17.81 14.83 24.73
C ASN B 166 18.29 13.41 24.41
N VAL B 167 17.94 12.44 25.25
CA VAL B 167 18.36 11.06 25.04
C VAL B 167 17.61 10.44 23.83
N ILE B 168 16.32 10.74 23.71
CA ILE B 168 15.51 10.27 22.60
C ILE B 168 16.06 10.79 21.26
N LEU B 169 16.46 12.06 21.22
CA LEU B 169 16.94 12.68 19.98
C LEU B 169 18.30 12.14 19.55
N TRP B 170 19.12 11.73 20.50
CA TRP B 170 20.53 11.41 20.23
C TRP B 170 20.72 10.39 19.09
N PRO B 171 20.11 9.18 19.10
CA PRO B 171 20.40 8.22 18.04
C PRO B 171 20.03 8.71 16.65
N ILE B 172 19.05 9.60 16.54
CA ILE B 172 18.67 10.17 15.24
C ILE B 172 19.69 11.25 14.85
N GLN B 173 19.91 12.22 15.74
CA GLN B 173 20.70 13.40 15.39
C GLN B 173 22.17 13.03 15.26
N SER B 174 22.70 12.24 16.18
CA SER B 174 24.09 11.82 16.10
C SER B 174 24.25 10.63 15.15
N GLY B 175 23.45 9.57 15.39
CA GLY B 175 23.68 8.30 14.72
C GLY B 175 23.29 8.26 13.24
N ILE B 176 22.28 9.02 12.86
CA ILE B 176 21.84 9.05 11.47
C ILE B 176 22.37 10.32 10.79
N LEU B 177 22.03 11.51 11.31
CA LEU B 177 22.30 12.75 10.58
C LEU B 177 23.78 13.12 10.68
N HIS B 178 24.32 13.22 11.90
CA HIS B 178 25.69 13.67 12.09
C HIS B 178 26.68 12.65 11.55
N PHE B 179 26.36 11.36 11.65
CA PHE B 179 27.21 10.29 11.15
C PHE B 179 27.55 10.52 9.67
N CYS B 180 26.56 11.01 8.91
CA CYS B 180 26.71 11.24 7.47
C CYS B 180 27.36 12.59 7.17
N GLY B 181 27.64 13.40 8.21
CA GLY B 181 28.35 14.65 8.02
C GLY B 181 27.50 15.88 8.30
N PHE B 182 26.18 15.72 8.35
CA PHE B 182 25.33 16.88 8.49
C PHE B 182 25.74 17.68 9.73
N GLN B 183 25.69 19.00 9.59
CA GLN B 183 25.54 19.87 10.74
C GLN B 183 24.06 19.83 11.15
N VAL B 184 23.80 19.55 12.42
CA VAL B 184 22.44 19.41 12.91
C VAL B 184 22.05 20.65 13.68
N LEU B 185 20.99 21.31 13.19
CA LEU B 185 20.44 22.48 13.84
C LEU B 185 19.53 22.06 14.99
N GLU B 186 19.24 23.03 15.87
CA GLU B 186 18.33 22.82 16.98
C GLU B 186 17.02 22.27 16.44
N PRO B 187 16.47 21.19 17.04
CA PRO B 187 15.17 20.66 16.59
C PRO B 187 14.04 21.63 16.89
N GLN B 188 13.06 21.68 15.98
CA GLN B 188 11.79 22.34 16.29
C GLN B 188 10.90 21.32 17.01
N LEU B 189 10.67 21.54 18.31
CA LEU B 189 9.93 20.59 19.11
C LEU B 189 8.54 21.18 19.40
N THR B 190 7.51 20.52 18.89
CA THR B 190 6.13 20.96 19.09
C THR B 190 5.42 19.96 19.98
N TYR B 191 5.36 20.23 21.29
CA TYR B 191 4.83 19.28 22.26
C TYR B 191 3.30 19.37 22.36
N SER B 192 2.68 18.22 22.68
CA SER B 192 1.25 18.05 22.90
C SER B 192 0.43 18.92 21.95
N ILE B 193 0.63 18.66 20.65
CA ILE B 193 0.01 19.48 19.62
C ILE B 193 -1.50 19.20 19.58
N GLY B 194 -1.93 18.05 20.09
CA GLY B 194 -3.35 17.71 20.16
C GLY B 194 -4.12 18.51 21.23
N HIS B 195 -3.38 19.17 22.13
CA HIS B 195 -3.97 19.91 23.23
C HIS B 195 -3.67 21.40 23.12
N THR B 196 -3.12 21.84 21.98
CA THR B 196 -2.75 23.23 21.79
C THR B 196 -3.95 23.96 21.20
N PRO B 197 -4.36 25.11 21.79
CA PRO B 197 -5.49 25.89 21.25
C PRO B 197 -5.18 26.50 19.88
N ALA B 198 -6.25 26.77 19.12
CA ALA B 198 -6.18 27.17 17.73
C ALA B 198 -5.25 28.37 17.52
N ASP B 199 -5.34 29.36 18.41
CA ASP B 199 -4.59 30.60 18.24
C ASP B 199 -3.09 30.37 18.45
N ALA B 200 -2.76 29.45 19.36
CA ALA B 200 -1.38 29.10 19.67
C ALA B 200 -0.78 28.30 18.52
N ARG B 201 -1.59 27.47 17.85
CA ARG B 201 -1.12 26.71 16.71
C ARG B 201 -0.73 27.65 15.58
N ILE B 202 -1.55 28.68 15.37
CA ILE B 202 -1.24 29.70 14.39
C ILE B 202 0.12 30.32 14.72
N GLN B 203 0.40 30.54 16.01
CA GLN B 203 1.65 31.15 16.43
C GLN B 203 2.83 30.21 16.21
N ILE B 204 2.61 28.90 16.35
CA ILE B 204 3.66 27.92 16.14
C ILE B 204 4.09 27.99 14.68
N LEU B 205 3.12 28.05 13.76
CA LEU B 205 3.41 28.12 12.34
C LEU B 205 4.19 29.39 12.02
N GLU B 206 3.78 30.52 12.61
CA GLU B 206 4.43 31.81 12.35
C GLU B 206 5.87 31.81 12.87
N GLY B 207 6.09 31.22 14.06
CA GLY B 207 7.40 31.15 14.68
C GLY B 207 8.37 30.28 13.88
N TRP B 208 7.84 29.22 13.27
CA TRP B 208 8.63 28.32 12.44
C TRP B 208 9.07 29.05 11.17
N LYS B 209 8.14 29.76 10.52
CA LYS B 209 8.45 30.54 9.34
C LYS B 209 9.52 31.60 9.67
N LYS B 210 9.35 32.26 10.81
CA LYS B 210 10.30 33.28 11.26
C LYS B 210 11.68 32.68 11.42
N ARG B 211 11.77 31.53 12.09
CA ARG B 211 13.04 30.88 12.30
C ARG B 211 13.73 30.61 10.97
N LEU B 212 12.93 30.15 9.99
CA LEU B 212 13.45 29.68 8.72
C LEU B 212 14.04 30.83 7.89
N GLU B 213 13.60 32.06 8.17
CA GLU B 213 14.13 33.25 7.51
C GLU B 213 15.65 33.35 7.66
N ASN B 214 16.20 32.85 8.79
CA ASN B 214 17.62 32.97 9.06
C ASN B 214 18.25 31.63 9.45
N ILE B 215 17.65 30.50 9.02
CA ILE B 215 18.00 29.18 9.53
C ILE B 215 19.46 28.87 9.25
N TRP B 216 19.97 29.30 8.08
CA TRP B 216 21.30 28.93 7.64
C TRP B 216 22.38 29.53 8.53
N ASP B 217 22.06 30.59 9.27
CA ASP B 217 23.06 31.31 10.05
C ASP B 217 23.12 30.79 11.49
N GLU B 218 22.22 29.88 11.88
CA GLU B 218 22.16 29.43 13.26
C GLU B 218 23.42 28.64 13.61
N THR B 219 23.78 28.66 14.89
CA THR B 219 24.82 27.78 15.41
C THR B 219 24.25 26.37 15.50
N PRO B 220 24.94 25.34 14.96
CA PRO B 220 24.44 23.96 15.05
C PRO B 220 24.68 23.40 16.44
N LEU B 221 24.03 22.25 16.71
CA LEU B 221 24.25 21.51 17.94
C LEU B 221 25.70 21.05 18.03
N TYR B 222 26.14 20.88 19.29
CA TYR B 222 27.47 20.39 19.57
C TYR B 222 27.51 18.87 19.65
N PHE B 223 28.39 18.29 18.82
CA PHE B 223 28.86 16.93 18.92
C PHE B 223 30.37 16.93 19.10
N ALA B 224 30.90 15.91 19.79
CA ALA B 224 32.34 15.74 19.91
C ALA B 224 32.97 15.66 18.52
N PRO B 225 33.94 16.54 18.16
CA PRO B 225 34.61 16.43 16.86
C PRO B 225 35.35 15.09 16.74
N SER B 226 35.43 14.57 15.52
CA SER B 226 36.12 13.31 15.26
C SER B 226 37.62 13.41 15.57
N SER B 227 38.17 14.62 15.53
CA SER B 227 39.57 14.88 15.86
C SER B 227 39.90 14.48 17.29
N LEU B 228 38.91 14.26 18.17
CA LEU B 228 39.15 13.82 19.53
C LEU B 228 39.43 12.31 19.60
N PHE B 229 39.25 11.61 18.47
CA PHE B 229 39.30 10.16 18.48
C PHE B 229 40.41 9.64 17.56
N ASP B 230 40.92 8.46 17.89
CA ASP B 230 41.82 7.72 17.03
C ASP B 230 41.00 6.79 16.14
N LEU B 231 40.85 7.16 14.87
CA LEU B 231 39.85 6.58 13.99
C LEU B 231 40.44 5.42 13.19
N ASN B 232 40.78 4.35 13.90
CA ASN B 232 41.31 3.15 13.28
C ASN B 232 41.05 2.03 14.26
N PHE B 233 41.09 0.82 13.81
CA PHE B 233 40.74 -0.34 14.61
C PHE B 233 41.81 -0.68 15.62
N GLN B 234 43.03 -0.42 15.33
CA GLN B 234 43.99 -0.75 16.35
C GLN B 234 43.62 0.02 17.62
N ALA B 235 43.18 1.27 17.46
CA ALA B 235 42.88 2.15 18.59
C ALA B 235 41.44 1.94 19.07
N GLY B 236 40.66 1.13 18.36
CA GLY B 236 39.28 0.81 18.71
C GLY B 236 38.33 1.98 18.52
N PHE B 237 38.72 2.95 17.69
CA PHE B 237 37.97 4.18 17.46
C PHE B 237 37.71 4.89 18.78
N LEU B 238 38.66 4.80 19.72
CA LEU B 238 38.51 5.40 21.04
C LEU B 238 39.09 6.82 21.06
N MET B 239 38.58 7.59 22.02
CA MET B 239 39.02 8.94 22.31
C MET B 239 40.53 8.89 22.57
N LYS B 240 41.24 9.90 22.05
CA LYS B 240 42.70 9.95 22.19
C LYS B 240 43.05 10.07 23.66
N LYS B 241 44.18 9.45 24.04
CA LYS B 241 44.66 9.43 25.41
C LYS B 241 44.77 10.86 25.97
N GLU B 242 45.32 11.79 25.17
CA GLU B 242 45.57 13.15 25.66
C GLU B 242 44.24 13.89 25.86
N VAL B 243 43.22 13.54 25.06
CA VAL B 243 41.89 14.08 25.27
C VAL B 243 41.28 13.49 26.55
N GLN B 244 41.46 12.19 26.76
CA GLN B 244 40.93 11.51 27.93
C GLN B 244 41.54 12.12 29.19
N ASP B 245 42.83 12.44 29.14
CA ASP B 245 43.56 13.00 30.28
C ASP B 245 43.00 14.39 30.58
N GLU B 246 42.86 15.22 29.55
CA GLU B 246 42.28 16.54 29.67
C GLU B 246 40.88 16.49 30.27
N GLU B 247 40.05 15.50 29.86
CA GLU B 247 38.66 15.53 30.22
C GLU B 247 38.44 15.07 31.67
N LYS B 248 39.41 14.33 32.21
CA LYS B 248 39.34 13.75 33.54
C LYS B 248 39.10 14.82 34.62
N ASN B 249 39.48 16.08 34.34
CA ASN B 249 39.33 17.14 35.32
C ASN B 249 38.05 17.94 35.09
N LYS B 250 37.24 17.57 34.08
CA LYS B 250 36.06 18.37 33.77
C LYS B 250 34.83 17.73 34.38
N LYS B 251 33.89 18.57 34.82
CA LYS B 251 32.72 18.11 35.52
C LYS B 251 31.72 17.48 34.56
N PHE B 252 31.53 18.10 33.40
CA PHE B 252 30.53 17.66 32.44
C PHE B 252 31.15 16.80 31.34
N GLY B 253 30.41 15.80 30.86
CA GLY B 253 30.78 15.11 29.64
C GLY B 253 30.60 16.05 28.45
N LEU B 254 30.80 15.52 27.24
CA LEU B 254 30.90 16.32 26.03
C LEU B 254 29.54 16.44 25.33
N SER B 255 28.75 15.37 25.41
CA SER B 255 27.45 15.31 24.75
C SER B 255 26.63 14.18 25.37
N VAL B 256 25.44 13.93 24.83
CA VAL B 256 24.62 12.86 25.34
C VAL B 256 25.34 11.51 25.23
N GLY B 257 25.82 11.16 24.04
CA GLY B 257 26.46 9.87 23.85
C GLY B 257 27.87 9.84 24.42
N HIS B 258 28.53 11.00 24.42
CA HIS B 258 29.87 11.11 25.00
C HIS B 258 29.78 11.77 26.38
N HIS B 259 28.92 11.19 27.23
CA HIS B 259 28.71 11.70 28.58
C HIS B 259 29.87 11.32 29.50
N LEU B 260 30.59 10.26 29.13
CA LEU B 260 31.82 9.80 29.79
C LEU B 260 31.57 9.41 31.25
N GLY B 261 30.33 9.06 31.60
CA GLY B 261 29.99 8.67 32.96
C GLY B 261 29.77 9.88 33.87
N LYS B 262 29.69 11.08 33.28
CA LYS B 262 29.52 12.31 34.03
C LYS B 262 28.21 12.99 33.64
N SER B 263 27.98 14.18 34.18
CA SER B 263 26.83 15.00 33.86
C SER B 263 26.79 15.34 32.37
N ILE B 264 25.62 15.12 31.76
CA ILE B 264 25.40 15.52 30.39
C ILE B 264 25.15 17.04 30.37
N PRO B 265 25.87 17.82 29.53
CA PRO B 265 25.61 19.25 29.42
C PRO B 265 24.14 19.41 29.06
N THR B 266 23.49 20.39 29.69
CA THR B 266 22.07 20.61 29.59
C THR B 266 21.67 20.84 28.14
N ASP B 267 20.59 20.15 27.70
CA ASP B 267 20.00 20.40 26.39
C ASP B 267 21.03 20.27 25.26
N ASN B 268 21.93 19.27 25.37
CA ASN B 268 22.94 19.04 24.36
C ASN B 268 22.33 18.79 22.97
N GLN B 269 21.19 18.11 22.91
CA GLN B 269 20.58 17.75 21.63
C GLN B 269 19.43 18.68 21.26
N ILE B 270 19.21 19.72 22.08
CA ILE B 270 18.07 20.61 21.90
C ILE B 270 18.52 22.06 21.65
N LYS B 271 19.62 22.47 22.30
CA LYS B 271 20.12 23.83 22.18
C LYS B 271 21.62 23.83 21.86
N ALA B 272 21.99 24.72 20.93
CA ALA B 272 23.39 24.97 20.63
C ALA B 272 24.03 25.69 21.82
N ARG B 273 25.35 25.57 21.97
CA ARG B 273 26.08 26.32 22.99
C ARG B 273 25.88 27.84 22.85
N GLY C 3 -42.67 -8.04 4.04
CA GLY C 3 -41.59 -7.25 3.42
C GLY C 3 -40.44 -8.14 2.94
N ARG C 4 -39.93 -7.83 1.75
CA ARG C 4 -38.67 -8.40 1.27
C ARG C 4 -37.49 -7.53 1.74
N ARG C 5 -36.27 -8.01 1.46
CA ARG C 5 -35.06 -7.34 1.91
C ARG C 5 -34.22 -6.90 0.71
N ALA C 6 -33.75 -5.65 0.76
CA ALA C 6 -32.92 -5.10 -0.29
C ALA C 6 -31.54 -4.72 0.27
N LEU C 7 -30.50 -4.95 -0.54
CA LEU C 7 -29.16 -4.43 -0.33
C LEU C 7 -28.81 -3.46 -1.46
N ILE C 8 -28.42 -2.23 -1.09
CA ILE C 8 -27.93 -1.26 -2.04
C ILE C 8 -26.42 -1.10 -1.85
N VAL C 9 -25.66 -1.45 -2.89
CA VAL C 9 -24.22 -1.29 -2.91
C VAL C 9 -23.88 -0.05 -3.72
N LEU C 10 -23.33 0.97 -3.07
CA LEU C 10 -22.98 2.26 -3.69
C LEU C 10 -21.46 2.37 -3.83
N ALA C 11 -21.01 2.83 -5.01
CA ALA C 11 -19.58 3.04 -5.26
C ALA C 11 -19.34 4.46 -5.75
N HIS C 12 -19.38 5.42 -4.83
CA HIS C 12 -19.08 6.81 -5.12
C HIS C 12 -18.63 7.49 -3.83
N SER C 13 -17.55 8.28 -3.92
CA SER C 13 -16.93 8.91 -2.77
C SER C 13 -17.74 10.09 -2.21
N GLU C 14 -18.58 10.73 -3.03
CA GLU C 14 -19.20 11.99 -2.65
C GLU C 14 -20.67 11.82 -2.25
N ARG C 15 -21.00 12.31 -1.04
CA ARG C 15 -22.36 12.34 -0.54
C ARG C 15 -23.19 13.36 -1.31
N THR C 16 -22.51 14.28 -1.98
CA THR C 16 -23.13 15.35 -2.75
C THR C 16 -23.46 14.90 -4.17
N SER C 17 -23.13 13.66 -4.53
CA SER C 17 -23.22 13.19 -5.90
C SER C 17 -24.65 12.84 -6.29
N PHE C 18 -24.90 12.74 -7.59
CA PHE C 18 -26.16 12.22 -8.09
C PHE C 18 -26.29 10.75 -7.73
N ASN C 19 -25.17 10.02 -7.75
CA ASN C 19 -25.16 8.62 -7.36
C ASN C 19 -25.71 8.47 -5.93
N TYR C 20 -25.27 9.33 -5.03
CA TYR C 20 -25.73 9.24 -3.65
C TYR C 20 -27.22 9.58 -3.60
N ALA C 21 -27.67 10.53 -4.42
CA ALA C 21 -29.08 10.90 -4.46
C ALA C 21 -29.92 9.71 -4.90
N MET C 22 -29.40 8.94 -5.88
CA MET C 22 -30.10 7.76 -6.40
C MET C 22 -30.18 6.68 -5.32
N LYS C 23 -29.12 6.54 -4.51
CA LYS C 23 -29.13 5.59 -3.43
C LYS C 23 -30.20 6.00 -2.40
N GLU C 24 -30.24 7.28 -2.05
CA GLU C 24 -31.22 7.80 -1.10
C GLU C 24 -32.64 7.60 -1.64
N ALA C 25 -32.84 7.87 -2.94
CA ALA C 25 -34.16 7.73 -3.54
C ALA C 25 -34.61 6.27 -3.50
N ALA C 26 -33.70 5.36 -3.87
CA ALA C 26 -34.00 3.93 -3.86
C ALA C 26 -34.39 3.49 -2.45
N ALA C 27 -33.63 3.92 -1.44
CA ALA C 27 -33.88 3.49 -0.07
C ALA C 27 -35.26 3.97 0.38
N ALA C 28 -35.60 5.22 0.07
CA ALA C 28 -36.86 5.83 0.49
C ALA C 28 -38.04 5.11 -0.18
N ALA C 29 -37.94 4.84 -1.48
CA ALA C 29 -39.01 4.20 -2.23
C ALA C 29 -39.24 2.77 -1.75
N LEU C 30 -38.16 2.04 -1.48
CA LEU C 30 -38.27 0.63 -1.08
C LEU C 30 -38.84 0.54 0.33
N LYS C 31 -38.40 1.42 1.24
CA LYS C 31 -38.92 1.45 2.60
C LYS C 31 -40.41 1.79 2.62
N LYS C 32 -40.82 2.73 1.77
CA LYS C 32 -42.22 3.13 1.67
C LYS C 32 -43.11 1.93 1.32
N LYS C 33 -42.56 0.99 0.53
N LYS C 33 -42.57 0.99 0.52
CA LYS C 33 -43.30 -0.20 0.13
CA LYS C 33 -43.30 -0.20 0.12
C LYS C 33 -43.03 -1.37 1.08
C LYS C 33 -43.03 -1.37 1.08
N GLY C 34 -42.43 -1.10 2.24
CA GLY C 34 -42.28 -2.11 3.29
C GLY C 34 -41.07 -3.03 3.12
N TRP C 35 -40.11 -2.67 2.27
CA TRP C 35 -38.85 -3.39 2.23
C TRP C 35 -38.01 -3.02 3.45
N GLU C 36 -37.22 -3.99 3.93
CA GLU C 36 -36.06 -3.73 4.78
C GLU C 36 -34.87 -3.43 3.86
N VAL C 37 -34.20 -2.28 4.08
CA VAL C 37 -33.12 -1.84 3.20
C VAL C 37 -31.81 -1.72 3.99
N VAL C 38 -30.80 -2.46 3.53
CA VAL C 38 -29.45 -2.42 4.08
C VAL C 38 -28.51 -1.84 3.01
N GLU C 39 -27.44 -1.17 3.46
CA GLU C 39 -26.55 -0.47 2.53
C GLU C 39 -25.11 -0.97 2.68
N SER C 40 -24.41 -0.97 1.55
CA SER C 40 -22.96 -1.09 1.51
C SER C 40 -22.40 0.10 0.72
N ASP C 41 -22.21 1.22 1.43
CA ASP C 41 -21.59 2.41 0.88
C ASP C 41 -20.08 2.20 0.96
N LEU C 42 -19.47 1.69 -0.11
CA LEU C 42 -18.12 1.16 -0.06
C LEU C 42 -17.10 2.21 0.37
N TYR C 43 -17.22 3.45 -0.13
CA TYR C 43 -16.31 4.49 0.28
C TYR C 43 -16.52 4.84 1.76
N ALA C 44 -17.78 4.96 2.20
CA ALA C 44 -18.05 5.30 3.58
C ALA C 44 -17.62 4.17 4.52
N MET C 45 -17.58 2.93 4.04
CA MET C 45 -17.13 1.77 4.79
C MET C 45 -15.61 1.69 4.84
N ASN C 46 -14.90 2.57 4.12
CA ASN C 46 -13.44 2.47 4.10
C ASN C 46 -13.04 1.11 3.51
N PHE C 47 -13.81 0.60 2.55
CA PHE C 47 -13.68 -0.78 2.14
C PHE C 47 -12.35 -1.02 1.45
N ASN C 48 -11.68 -2.10 1.89
CA ASN C 48 -10.47 -2.61 1.29
C ASN C 48 -10.83 -3.45 0.06
N PRO C 49 -10.45 -3.03 -1.17
CA PRO C 49 -10.88 -3.75 -2.37
C PRO C 49 -9.88 -4.74 -2.94
N ILE C 50 -8.79 -4.99 -2.23
CA ILE C 50 -7.70 -5.78 -2.78
C ILE C 50 -7.68 -7.17 -2.14
N ILE C 51 -7.86 -8.21 -2.97
CA ILE C 51 -7.70 -9.59 -2.54
C ILE C 51 -6.26 -9.87 -2.16
N SER C 52 -6.09 -10.67 -1.11
CA SER C 52 -4.78 -11.13 -0.71
C SER C 52 -4.95 -12.25 0.32
N ARG C 53 -3.83 -12.84 0.70
CA ARG C 53 -3.81 -13.86 1.73
C ARG C 53 -4.30 -13.35 3.07
N LYS C 54 -4.34 -12.03 3.29
CA LYS C 54 -4.83 -11.49 4.54
C LYS C 54 -6.34 -11.67 4.68
N ASP C 55 -7.03 -12.03 3.59
CA ASP C 55 -8.46 -12.29 3.64
C ASP C 55 -8.78 -13.60 4.39
N ILE C 56 -7.76 -14.44 4.56
CA ILE C 56 -7.88 -15.74 5.20
C ILE C 56 -7.14 -15.67 6.54
N THR C 57 -7.87 -15.85 7.64
CA THR C 57 -7.32 -15.65 8.98
C THR C 57 -6.89 -16.98 9.59
N GLY C 58 -7.35 -18.12 9.05
CA GLY C 58 -6.99 -19.42 9.58
C GLY C 58 -5.76 -20.00 8.90
N LYS C 59 -5.47 -21.27 9.19
CA LYS C 59 -4.29 -21.95 8.68
C LYS C 59 -4.53 -22.25 7.21
N LEU C 60 -3.56 -21.86 6.34
CA LEU C 60 -3.66 -22.05 4.91
C LEU C 60 -3.35 -23.52 4.60
N LYS C 61 -4.00 -24.07 3.57
CA LYS C 61 -3.65 -25.40 3.09
C LYS C 61 -2.19 -25.42 2.60
N ASP C 62 -1.82 -24.42 1.79
CA ASP C 62 -0.51 -24.43 1.14
C ASP C 62 0.05 -23.01 1.07
N PRO C 63 0.68 -22.50 2.16
CA PRO C 63 1.21 -21.13 2.19
C PRO C 63 2.36 -20.84 1.22
N ALA C 64 3.02 -21.91 0.76
CA ALA C 64 4.17 -21.79 -0.14
C ALA C 64 3.72 -21.55 -1.58
N ASN C 65 2.51 -22.04 -1.90
CA ASN C 65 1.91 -21.90 -3.21
C ASN C 65 0.46 -21.45 -3.00
N PHE C 66 0.32 -20.17 -2.63
CA PHE C 66 -0.96 -19.60 -2.25
C PHE C 66 -1.84 -19.45 -3.50
N GLN C 67 -3.02 -20.10 -3.45
CA GLN C 67 -4.01 -20.03 -4.51
C GLN C 67 -5.29 -19.47 -3.95
N TYR C 68 -5.62 -18.22 -4.34
CA TYR C 68 -6.70 -17.51 -3.72
C TYR C 68 -8.02 -18.28 -3.83
N PRO C 69 -8.40 -18.80 -5.01
CA PRO C 69 -9.70 -19.47 -5.13
C PRO C 69 -9.86 -20.61 -4.12
N ALA C 70 -8.91 -21.54 -4.10
CA ALA C 70 -9.01 -22.71 -3.23
C ALA C 70 -8.93 -22.30 -1.75
N GLU C 71 -8.03 -21.35 -1.43
CA GLU C 71 -7.80 -20.99 -0.05
C GLU C 71 -8.99 -20.23 0.51
N SER C 72 -9.60 -19.36 -0.31
CA SER C 72 -10.71 -18.56 0.14
C SER C 72 -11.92 -19.45 0.38
N VAL C 73 -12.12 -20.45 -0.49
CA VAL C 73 -13.25 -21.37 -0.37
C VAL C 73 -13.13 -22.13 0.94
N LEU C 74 -11.93 -22.61 1.25
CA LEU C 74 -11.67 -23.30 2.50
C LEU C 74 -12.00 -22.38 3.68
N ALA C 75 -11.58 -21.12 3.60
CA ALA C 75 -11.82 -20.18 4.66
C ALA C 75 -13.33 -19.95 4.82
N TYR C 76 -14.03 -19.87 3.68
CA TYR C 76 -15.47 -19.68 3.70
C TYR C 76 -16.11 -20.84 4.47
N LYS C 77 -15.70 -22.07 4.12
CA LYS C 77 -16.32 -23.27 4.66
C LYS C 77 -16.00 -23.44 6.15
N GLU C 78 -14.79 -23.07 6.55
CA GLU C 78 -14.31 -23.32 7.91
C GLU C 78 -14.53 -22.10 8.82
N GLY C 79 -15.02 -20.99 8.25
CA GLY C 79 -15.41 -19.82 9.02
C GLY C 79 -14.23 -18.90 9.36
N HIS C 80 -13.18 -18.84 8.53
CA HIS C 80 -12.04 -18.00 8.86
C HIS C 80 -11.72 -16.98 7.75
N LEU C 81 -12.75 -16.54 7.03
CA LEU C 81 -12.63 -15.33 6.22
C LEU C 81 -12.54 -14.11 7.11
N SER C 82 -11.86 -13.06 6.60
N SER C 82 -11.87 -13.07 6.59
CA SER C 82 -11.79 -11.77 7.24
CA SER C 82 -11.78 -11.79 7.27
C SER C 82 -13.19 -11.30 7.61
C SER C 82 -13.19 -11.29 7.61
N PRO C 83 -13.40 -10.78 8.85
CA PRO C 83 -14.72 -10.31 9.27
C PRO C 83 -15.44 -9.31 8.37
N ASP C 84 -14.71 -8.40 7.71
CA ASP C 84 -15.35 -7.45 6.81
C ASP C 84 -16.02 -8.17 5.65
N ILE C 85 -15.38 -9.21 5.11
CA ILE C 85 -15.95 -10.01 4.05
C ILE C 85 -17.20 -10.74 4.56
N VAL C 86 -17.10 -11.37 5.75
CA VAL C 86 -18.20 -12.12 6.33
C VAL C 86 -19.42 -11.23 6.48
N ALA C 87 -19.22 -9.99 6.95
CA ALA C 87 -20.31 -9.07 7.14
C ALA C 87 -21.03 -8.77 5.81
N GLU C 88 -20.29 -8.65 4.71
CA GLU C 88 -20.88 -8.40 3.40
C GLU C 88 -21.65 -9.62 2.92
N GLN C 89 -21.06 -10.80 3.08
CA GLN C 89 -21.70 -12.06 2.73
C GLN C 89 -23.04 -12.22 3.47
N LYS C 90 -23.10 -11.78 4.73
CA LYS C 90 -24.33 -11.89 5.49
C LYS C 90 -25.40 -10.94 4.95
N LYS C 91 -25.00 -9.73 4.52
CA LYS C 91 -25.95 -8.83 3.90
C LYS C 91 -26.54 -9.46 2.63
N LEU C 92 -25.68 -10.08 1.83
CA LEU C 92 -26.07 -10.72 0.60
C LEU C 92 -27.03 -11.88 0.86
N GLU C 93 -26.68 -12.75 1.82
CA GLU C 93 -27.53 -13.87 2.20
C GLU C 93 -28.93 -13.38 2.56
N ALA C 94 -29.03 -12.25 3.27
CA ALA C 94 -30.31 -11.72 3.73
C ALA C 94 -31.13 -11.12 2.59
N ALA C 95 -30.45 -10.56 1.56
CA ALA C 95 -31.11 -9.75 0.56
C ALA C 95 -31.84 -10.60 -0.49
N ASP C 96 -33.04 -10.12 -0.85
CA ASP C 96 -33.78 -10.63 -2.00
C ASP C 96 -33.34 -9.88 -3.26
N LEU C 97 -33.26 -8.55 -3.13
CA LEU C 97 -32.89 -7.66 -4.22
C LEU C 97 -31.56 -6.98 -3.91
N VAL C 98 -30.68 -6.90 -4.91
CA VAL C 98 -29.42 -6.21 -4.75
C VAL C 98 -29.30 -5.17 -5.88
N ILE C 99 -29.20 -3.90 -5.46
CA ILE C 99 -29.01 -2.79 -6.36
C ILE C 99 -27.54 -2.36 -6.28
N PHE C 100 -26.90 -2.25 -7.46
CA PHE C 100 -25.58 -1.66 -7.59
C PHE C 100 -25.69 -0.28 -8.21
N GLN C 101 -25.36 0.74 -7.42
CA GLN C 101 -25.40 2.12 -7.83
C GLN C 101 -23.98 2.64 -8.00
N PHE C 102 -23.61 3.02 -9.23
CA PHE C 102 -22.26 3.48 -9.47
C PHE C 102 -22.18 4.32 -10.74
N PRO C 103 -21.19 5.23 -10.80
CA PRO C 103 -20.83 5.88 -12.06
C PRO C 103 -20.01 4.91 -12.91
N LEU C 104 -20.33 4.87 -14.21
CA LEU C 104 -19.49 4.14 -15.15
C LEU C 104 -18.09 4.77 -15.14
N GLN C 105 -17.08 3.92 -14.96
CA GLN C 105 -15.69 4.34 -14.95
C GLN C 105 -14.87 3.41 -15.82
N TRP C 106 -14.28 3.99 -16.87
CA TRP C 106 -13.46 3.23 -17.78
C TRP C 106 -14.24 1.99 -18.26
N PHE C 107 -15.48 2.24 -18.69
N PHE C 107 -15.48 2.22 -18.69
CA PHE C 107 -16.36 1.26 -19.31
CA PHE C 107 -16.31 1.23 -19.35
C PHE C 107 -16.63 0.07 -18.40
C PHE C 107 -16.62 0.06 -18.41
N GLY C 108 -16.63 0.31 -17.08
CA GLY C 108 -16.93 -0.75 -16.14
C GLY C 108 -17.25 -0.20 -14.76
N VAL C 109 -17.20 -1.11 -13.78
CA VAL C 109 -17.46 -0.76 -12.40
C VAL C 109 -16.22 -0.08 -11.84
N PRO C 110 -16.38 0.85 -10.88
CA PRO C 110 -15.24 1.40 -10.15
C PRO C 110 -14.41 0.30 -9.49
N ALA C 111 -13.10 0.55 -9.37
CA ALA C 111 -12.19 -0.42 -8.80
C ALA C 111 -12.67 -0.90 -7.43
N ILE C 112 -13.23 0.01 -6.61
CA ILE C 112 -13.62 -0.35 -5.25
C ILE C 112 -14.77 -1.38 -5.29
N LEU C 113 -15.65 -1.29 -6.31
CA LEU C 113 -16.72 -2.25 -6.49
C LEU C 113 -16.21 -3.54 -7.13
N LYS C 114 -15.29 -3.44 -8.10
CA LYS C 114 -14.67 -4.63 -8.67
C LYS C 114 -14.05 -5.47 -7.54
N GLY C 115 -13.36 -4.80 -6.63
CA GLY C 115 -12.68 -5.48 -5.53
C GLY C 115 -13.67 -6.08 -4.54
N TRP C 116 -14.81 -5.42 -4.35
CA TRP C 116 -15.89 -5.99 -3.54
C TRP C 116 -16.35 -7.32 -4.12
N PHE C 117 -16.55 -7.39 -5.44
CA PHE C 117 -16.87 -8.67 -6.06
C PHE C 117 -15.77 -9.68 -5.80
N GLU C 118 -14.52 -9.27 -5.99
CA GLU C 118 -13.39 -10.18 -5.87
C GLU C 118 -13.27 -10.72 -4.44
N ARG C 119 -13.45 -9.87 -3.42
CA ARG C 119 -13.27 -10.35 -2.04
C ARG C 119 -14.53 -11.03 -1.49
N VAL C 120 -15.72 -10.66 -2.00
CA VAL C 120 -16.98 -11.07 -1.37
C VAL C 120 -17.59 -12.28 -2.09
N PHE C 121 -17.50 -12.32 -3.43
CA PHE C 121 -18.06 -13.42 -4.21
C PHE C 121 -17.09 -14.59 -4.22
N ILE C 122 -16.96 -15.22 -3.05
CA ILE C 122 -16.10 -16.37 -2.87
C ILE C 122 -16.81 -17.63 -3.37
N GLY C 123 -16.03 -18.55 -3.92
CA GLY C 123 -16.52 -19.85 -4.35
C GLY C 123 -17.31 -20.55 -3.24
N GLU C 124 -18.30 -21.35 -3.66
CA GLU C 124 -19.23 -22.09 -2.80
C GLU C 124 -20.28 -21.14 -2.23
N PHE C 125 -19.84 -19.99 -1.70
CA PHE C 125 -20.78 -18.98 -1.25
C PHE C 125 -21.56 -18.38 -2.43
N ALA C 126 -20.84 -17.91 -3.46
CA ALA C 126 -21.47 -17.09 -4.50
C ALA C 126 -21.59 -17.83 -5.82
N TYR C 127 -20.73 -18.83 -6.05
CA TYR C 127 -20.79 -19.59 -7.27
C TYR C 127 -20.23 -20.98 -7.01
N THR C 128 -20.60 -21.93 -7.86
CA THR C 128 -19.92 -23.21 -7.93
C THR C 128 -19.88 -23.64 -9.38
N TYR C 129 -18.79 -24.35 -9.74
CA TYR C 129 -18.68 -24.96 -11.06
C TYR C 129 -19.76 -26.01 -11.27
N ALA C 130 -20.15 -26.70 -10.20
CA ALA C 130 -21.15 -27.76 -10.29
C ALA C 130 -22.51 -27.18 -10.67
N ALA C 131 -22.72 -25.88 -10.40
CA ALA C 131 -24.01 -25.24 -10.65
C ALA C 131 -23.82 -23.78 -11.10
N MET C 132 -23.28 -23.60 -12.31
CA MET C 132 -23.02 -22.29 -12.87
C MET C 132 -24.32 -21.60 -13.27
N TYR C 133 -24.28 -20.26 -13.31
CA TYR C 133 -25.29 -19.45 -13.98
C TYR C 133 -26.65 -19.67 -13.31
N ASP C 134 -27.68 -20.04 -14.07
CA ASP C 134 -29.05 -20.04 -13.56
C ASP C 134 -29.26 -21.06 -12.42
N LYS C 135 -28.31 -21.98 -12.20
CA LYS C 135 -28.39 -22.92 -11.08
C LYS C 135 -27.57 -22.45 -9.87
N GLY C 136 -27.05 -21.21 -9.91
CA GLY C 136 -26.11 -20.78 -8.90
C GLY C 136 -26.78 -20.38 -7.58
N PRO C 137 -25.97 -20.15 -6.52
CA PRO C 137 -26.52 -19.87 -5.19
C PRO C 137 -27.47 -18.70 -5.07
N PHE C 138 -27.37 -17.70 -5.96
CA PHE C 138 -28.18 -16.51 -5.83
C PHE C 138 -29.40 -16.53 -6.76
N ARG C 139 -29.79 -17.71 -7.24
CA ARG C 139 -30.88 -17.81 -8.18
C ARG C 139 -32.24 -17.40 -7.61
N SER C 140 -32.37 -17.29 -6.28
CA SER C 140 -33.60 -16.83 -5.68
C SER C 140 -33.59 -15.32 -5.52
N LYS C 141 -32.47 -14.68 -5.93
CA LYS C 141 -32.30 -13.25 -5.77
C LYS C 141 -32.34 -12.58 -7.14
N LYS C 142 -32.59 -11.28 -7.10
CA LYS C 142 -32.56 -10.45 -8.29
C LYS C 142 -31.54 -9.33 -8.07
N ALA C 143 -30.83 -8.99 -9.14
CA ALA C 143 -29.84 -7.92 -9.11
C ALA C 143 -30.12 -6.93 -10.23
N VAL C 144 -29.80 -5.66 -9.98
CA VAL C 144 -29.97 -4.62 -10.97
C VAL C 144 -28.82 -3.62 -10.88
N LEU C 145 -28.31 -3.21 -12.05
CA LEU C 145 -27.33 -2.13 -12.15
C LEU C 145 -28.05 -0.81 -12.37
N SER C 146 -27.68 0.19 -11.57
CA SER C 146 -28.09 1.57 -11.79
C SER C 146 -26.83 2.42 -12.04
N ILE C 147 -26.64 2.82 -13.31
CA ILE C 147 -25.39 3.38 -13.79
C ILE C 147 -25.61 4.80 -14.27
N THR C 148 -24.70 5.70 -13.88
CA THR C 148 -24.64 7.04 -14.45
C THR C 148 -23.42 7.12 -15.37
N THR C 149 -23.53 7.90 -16.46
CA THR C 149 -22.41 8.05 -17.36
C THR C 149 -22.15 9.54 -17.63
N GLY C 150 -20.91 9.86 -18.00
CA GLY C 150 -20.58 11.14 -18.57
C GLY C 150 -21.02 11.25 -20.03
N GLY C 151 -20.78 10.19 -20.81
CA GLY C 151 -21.10 10.15 -22.23
C GLY C 151 -22.60 10.08 -22.47
N SER C 152 -23.04 10.67 -23.58
CA SER C 152 -24.45 10.63 -23.98
C SER C 152 -24.83 9.24 -24.46
N GLY C 153 -26.15 8.99 -24.44
CA GLY C 153 -26.74 7.76 -24.92
C GLY C 153 -26.37 7.46 -26.36
N SER C 154 -26.30 8.50 -27.20
CA SER C 154 -25.98 8.32 -28.60
C SER C 154 -24.57 7.76 -28.77
N MET C 155 -23.63 8.15 -27.89
N MET C 155 -23.64 8.15 -27.89
CA MET C 155 -22.27 7.67 -27.99
CA MET C 155 -22.27 7.66 -28.00
C MET C 155 -22.22 6.16 -27.80
C MET C 155 -22.21 6.16 -27.81
N TYR C 156 -23.21 5.61 -27.10
CA TYR C 156 -23.27 4.19 -26.74
C TYR C 156 -24.33 3.44 -27.54
N SER C 157 -24.91 4.10 -28.55
CA SER C 157 -25.82 3.48 -29.51
C SER C 157 -25.00 2.61 -30.43
N LEU C 158 -25.67 1.86 -31.32
CA LEU C 158 -24.97 1.01 -32.25
C LEU C 158 -24.04 1.80 -33.15
N GLN C 159 -24.44 3.04 -33.53
CA GLN C 159 -23.69 3.89 -34.43
C GLN C 159 -22.82 4.89 -33.68
N GLY C 160 -22.75 4.78 -32.36
CA GLY C 160 -22.03 5.72 -31.53
C GLY C 160 -20.54 5.39 -31.44
N ILE C 161 -19.71 6.43 -31.20
CA ILE C 161 -18.27 6.30 -31.20
C ILE C 161 -17.82 5.26 -30.18
N HIS C 162 -18.49 5.15 -29.03
CA HIS C 162 -18.05 4.19 -28.00
C HIS C 162 -18.53 2.77 -28.33
N GLY C 163 -19.53 2.65 -29.21
CA GLY C 163 -20.10 1.36 -29.53
C GLY C 163 -21.17 0.96 -28.53
N ASP C 164 -21.70 -0.24 -28.74
CA ASP C 164 -22.96 -0.68 -28.14
C ASP C 164 -22.77 -0.88 -26.64
N MET C 165 -23.60 -0.20 -25.85
CA MET C 165 -23.63 -0.37 -24.39
C MET C 165 -23.95 -1.83 -24.04
N ASN C 166 -24.72 -2.54 -24.87
CA ASN C 166 -25.04 -3.94 -24.56
C ASN C 166 -23.77 -4.75 -24.38
N VAL C 167 -22.72 -4.44 -25.17
CA VAL C 167 -21.45 -5.15 -25.09
C VAL C 167 -20.73 -4.80 -23.79
N ILE C 168 -20.79 -3.52 -23.39
CA ILE C 168 -20.15 -3.06 -22.17
C ILE C 168 -20.77 -3.76 -20.96
N LEU C 169 -22.10 -3.88 -20.95
CA LEU C 169 -22.81 -4.44 -19.80
C LEU C 169 -22.58 -5.95 -19.67
N TRP C 170 -22.29 -6.63 -20.77
CA TRP C 170 -22.26 -8.09 -20.78
C TRP C 170 -21.35 -8.70 -19.72
N PRO C 171 -20.04 -8.36 -19.64
CA PRO C 171 -19.18 -9.03 -18.67
C PRO C 171 -19.61 -8.83 -17.21
N ILE C 172 -20.30 -7.74 -16.91
CA ILE C 172 -20.79 -7.50 -15.56
C ILE C 172 -22.06 -8.33 -15.32
N GLN C 173 -23.03 -8.20 -16.24
CA GLN C 173 -24.37 -8.76 -16.01
C GLN C 173 -24.34 -10.27 -16.17
N SER C 174 -23.63 -10.77 -17.18
CA SER C 174 -23.53 -12.20 -17.38
C SER C 174 -22.41 -12.77 -16.50
N GLY C 175 -21.22 -12.17 -16.58
CA GLY C 175 -20.02 -12.78 -16.05
C GLY C 175 -19.92 -12.70 -14.53
N ILE C 176 -20.49 -11.64 -13.93
CA ILE C 176 -20.46 -11.48 -12.49
C ILE C 176 -21.82 -11.87 -11.91
N LEU C 177 -22.91 -11.20 -12.30
CA LEU C 177 -24.18 -11.35 -11.62
C LEU C 177 -24.86 -12.67 -11.98
N HIS C 178 -25.03 -12.92 -13.28
CA HIS C 178 -25.77 -14.11 -13.72
C HIS C 178 -24.97 -15.38 -13.40
N PHE C 179 -23.63 -15.33 -13.50
CA PHE C 179 -22.77 -16.45 -13.18
C PHE C 179 -23.08 -17.02 -11.79
N CYS C 180 -23.39 -16.14 -10.84
CA CYS C 180 -23.66 -16.51 -9.46
C CYS C 180 -25.12 -16.93 -9.23
N GLY C 181 -25.94 -16.79 -10.28
CA GLY C 181 -27.33 -17.26 -10.18
C GLY C 181 -28.33 -16.14 -10.27
N PHE C 182 -27.91 -14.89 -10.06
CA PHE C 182 -28.87 -13.82 -10.01
C PHE C 182 -29.71 -13.80 -11.28
N GLN C 183 -31.00 -13.51 -11.09
CA GLN C 183 -31.80 -12.96 -12.17
C GLN C 183 -31.45 -11.49 -12.30
N VAL C 184 -31.09 -11.06 -13.52
CA VAL C 184 -30.67 -9.68 -13.71
C VAL C 184 -31.79 -8.88 -14.37
N LEU C 185 -32.24 -7.84 -13.67
CA LEU C 185 -33.26 -6.95 -14.17
C LEU C 185 -32.63 -5.92 -15.13
N GLU C 186 -33.51 -5.28 -15.92
CA GLU C 186 -33.08 -4.24 -16.83
C GLU C 186 -32.26 -3.19 -16.06
N PRO C 187 -31.08 -2.79 -16.56
CA PRO C 187 -30.30 -1.74 -15.89
C PRO C 187 -31.00 -0.39 -15.98
N GLN C 188 -30.86 0.40 -14.91
CA GLN C 188 -31.24 1.80 -14.95
C GLN C 188 -30.04 2.57 -15.50
N LEU C 189 -30.18 3.09 -16.73
CA LEU C 189 -29.09 3.75 -17.42
C LEU C 189 -29.37 5.23 -17.44
N THR C 190 -28.54 6.00 -16.72
CA THR C 190 -28.69 7.44 -16.62
C THR C 190 -27.54 8.10 -17.38
N TYR C 191 -27.80 8.47 -18.65
CA TYR C 191 -26.74 8.94 -19.52
C TYR C 191 -26.50 10.43 -19.32
N SER C 192 -25.25 10.84 -19.57
CA SER C 192 -24.78 12.23 -19.54
C SER C 192 -25.45 13.01 -18.42
N ILE C 193 -25.25 12.53 -17.19
CA ILE C 193 -25.91 13.10 -16.03
C ILE C 193 -25.31 14.48 -15.74
N GLY C 194 -24.09 14.74 -16.20
CA GLY C 194 -23.46 16.05 -16.04
C GLY C 194 -24.06 17.14 -16.92
N HIS C 195 -24.86 16.74 -17.92
CA HIS C 195 -25.42 17.66 -18.91
C HIS C 195 -26.95 17.65 -18.83
N THR C 196 -27.51 17.01 -17.79
CA THR C 196 -28.95 16.93 -17.64
C THR C 196 -29.41 18.14 -16.85
N PRO C 197 -30.44 18.89 -17.31
CA PRO C 197 -30.97 20.04 -16.57
C PRO C 197 -31.64 19.62 -15.26
N ALA C 198 -31.70 20.59 -14.33
CA ALA C 198 -32.12 20.36 -12.96
C ALA C 198 -33.47 19.66 -12.87
N ASP C 199 -34.44 20.10 -13.69
CA ASP C 199 -35.79 19.60 -13.61
C ASP C 199 -35.87 18.15 -14.08
N ALA C 200 -35.04 17.83 -15.08
CA ALA C 200 -34.98 16.48 -15.63
C ALA C 200 -34.33 15.52 -14.64
N ARG C 201 -33.34 16.00 -13.89
CA ARG C 201 -32.70 15.16 -12.88
C ARG C 201 -33.69 14.81 -11.78
N ILE C 202 -34.52 15.78 -11.38
CA ILE C 202 -35.57 15.52 -10.43
C ILE C 202 -36.47 14.39 -10.96
N GLN C 203 -36.75 14.41 -12.27
CA GLN C 203 -37.62 13.42 -12.86
C GLN C 203 -36.94 12.05 -12.89
N ILE C 204 -35.60 12.02 -13.04
CA ILE C 204 -34.86 10.77 -13.06
C ILE C 204 -35.03 10.08 -11.71
N LEU C 205 -34.90 10.86 -10.62
CA LEU C 205 -35.05 10.33 -9.27
C LEU C 205 -36.45 9.77 -9.09
N GLU C 206 -37.47 10.51 -9.54
CA GLU C 206 -38.86 10.11 -9.39
C GLU C 206 -39.15 8.85 -10.20
N GLY C 207 -38.60 8.74 -11.41
CA GLY C 207 -38.81 7.60 -12.28
C GLY C 207 -38.19 6.32 -11.72
N TRP C 208 -37.05 6.49 -11.03
CA TRP C 208 -36.37 5.37 -10.38
C TRP C 208 -37.21 4.86 -9.21
N LYS C 209 -37.72 5.78 -8.38
CA LYS C 209 -38.58 5.42 -7.27
C LYS C 209 -39.83 4.70 -7.78
N LYS C 210 -40.41 5.22 -8.87
CA LYS C 210 -41.61 4.65 -9.46
C LYS C 210 -41.34 3.21 -9.89
N ARG C 211 -40.23 3.00 -10.61
CA ARG C 211 -39.86 1.67 -11.05
C ARG C 211 -39.77 0.72 -9.86
N LEU C 212 -39.17 1.19 -8.77
CA LEU C 212 -38.84 0.35 -7.62
C LEU C 212 -40.10 -0.11 -6.90
N GLU C 213 -41.21 0.63 -7.06
CA GLU C 213 -42.48 0.24 -6.47
C GLU C 213 -42.90 -1.15 -6.91
N ASN C 214 -42.51 -1.58 -8.13
CA ASN C 214 -42.95 -2.85 -8.69
C ASN C 214 -41.77 -3.67 -9.23
N ILE C 215 -40.56 -3.43 -8.71
CA ILE C 215 -39.34 -3.98 -9.29
C ILE C 215 -39.38 -5.50 -9.31
N TRP C 216 -39.95 -6.09 -8.25
CA TRP C 216 -39.91 -7.54 -8.09
C TRP C 216 -40.73 -8.26 -9.14
N ASP C 217 -41.66 -7.56 -9.80
CA ASP C 217 -42.57 -8.19 -10.74
C ASP C 217 -42.04 -8.10 -12.18
N GLU C 218 -40.92 -7.40 -12.40
CA GLU C 218 -40.44 -7.22 -13.76
C GLU C 218 -39.95 -8.54 -14.34
N THR C 219 -40.01 -8.65 -15.67
CA THR C 219 -39.34 -9.72 -16.38
C THR C 219 -37.83 -9.44 -16.38
N PRO C 220 -36.96 -10.39 -16.01
CA PRO C 220 -35.52 -10.18 -16.08
C PRO C 220 -34.98 -10.25 -17.50
N LEU C 221 -33.73 -9.83 -17.66
CA LEU C 221 -33.01 -9.97 -18.91
C LEU C 221 -32.89 -11.42 -19.30
N TYR C 222 -32.77 -11.63 -20.62
CA TYR C 222 -32.58 -12.94 -21.18
C TYR C 222 -31.10 -13.27 -21.33
N PHE C 223 -30.72 -14.38 -20.69
CA PHE C 223 -29.47 -15.07 -20.93
C PHE C 223 -29.81 -16.49 -21.38
N ALA C 224 -28.93 -17.09 -22.17
CA ALA C 224 -29.07 -18.49 -22.54
C ALA C 224 -29.13 -19.36 -21.28
N PRO C 225 -30.19 -20.17 -21.07
CA PRO C 225 -30.22 -21.10 -19.93
C PRO C 225 -29.07 -22.10 -19.99
N SER C 226 -28.58 -22.52 -18.82
N SER C 226 -28.59 -22.52 -18.81
CA SER C 226 -27.50 -23.48 -18.74
CA SER C 226 -27.51 -23.51 -18.70
C SER C 226 -27.90 -24.84 -19.31
C SER C 226 -27.90 -24.86 -19.31
N SER C 227 -29.22 -25.14 -19.31
CA SER C 227 -29.74 -26.36 -19.89
C SER C 227 -29.43 -26.49 -21.38
N LEU C 228 -29.03 -25.40 -22.06
CA LEU C 228 -28.64 -25.45 -23.47
C LEU C 228 -27.22 -25.99 -23.65
N PHE C 229 -26.49 -26.20 -22.55
CA PHE C 229 -25.08 -26.54 -22.62
C PHE C 229 -24.79 -27.89 -21.96
N ASP C 230 -23.71 -28.51 -22.41
CA ASP C 230 -23.17 -29.71 -21.80
C ASP C 230 -22.09 -29.27 -20.81
N LEU C 231 -22.42 -29.29 -19.52
CA LEU C 231 -21.64 -28.62 -18.49
C LEU C 231 -20.63 -29.59 -17.87
N ASN C 232 -19.65 -30.00 -18.68
CA ASN C 232 -18.61 -30.90 -18.21
C ASN C 232 -17.41 -30.71 -19.13
N PHE C 233 -16.23 -31.10 -18.64
CA PHE C 233 -14.95 -30.82 -19.29
C PHE C 233 -14.85 -31.57 -20.62
N GLN C 234 -15.42 -32.79 -20.69
CA GLN C 234 -15.31 -33.59 -21.88
C GLN C 234 -16.03 -32.89 -23.03
N ALA C 235 -17.16 -32.26 -22.73
CA ALA C 235 -17.96 -31.57 -23.73
C ALA C 235 -17.45 -30.13 -23.96
N GLY C 236 -16.48 -29.69 -23.14
CA GLY C 236 -15.88 -28.37 -23.27
C GLY C 236 -16.84 -27.25 -22.85
N PHE C 237 -17.86 -27.58 -22.06
CA PHE C 237 -18.90 -26.67 -21.64
C PHE C 237 -19.55 -26.00 -22.85
N LEU C 238 -19.67 -26.75 -23.95
CA LEU C 238 -20.24 -26.24 -25.19
C LEU C 238 -21.74 -26.47 -25.26
N MET C 239 -22.41 -25.63 -26.04
N MET C 239 -22.43 -25.62 -26.04
CA MET C 239 -23.85 -25.73 -26.27
CA MET C 239 -23.86 -25.74 -26.24
C MET C 239 -24.17 -27.12 -26.81
C MET C 239 -24.17 -27.13 -26.80
N LYS C 240 -25.33 -27.68 -26.43
CA LYS C 240 -25.72 -29.00 -26.90
C LYS C 240 -25.92 -28.95 -28.41
N LYS C 241 -25.52 -30.03 -29.12
CA LYS C 241 -25.62 -30.08 -30.58
C LYS C 241 -27.06 -29.85 -31.02
N GLU C 242 -28.05 -30.45 -30.35
CA GLU C 242 -29.41 -30.28 -30.85
C GLU C 242 -29.83 -28.82 -30.69
N VAL C 243 -29.28 -28.11 -29.71
CA VAL C 243 -29.50 -26.68 -29.56
C VAL C 243 -28.79 -25.93 -30.68
N GLN C 244 -27.54 -26.31 -31.00
CA GLN C 244 -26.78 -25.68 -32.07
C GLN C 244 -27.53 -25.81 -33.39
N ASP C 245 -28.11 -26.99 -33.63
CA ASP C 245 -28.80 -27.28 -34.87
C ASP C 245 -30.04 -26.40 -34.96
N GLU C 246 -30.81 -26.37 -33.87
CA GLU C 246 -32.01 -25.55 -33.78
C GLU C 246 -31.68 -24.08 -33.98
N GLU C 247 -30.56 -23.60 -33.45
CA GLU C 247 -30.29 -22.17 -33.44
C GLU C 247 -29.83 -21.70 -34.82
N LYS C 248 -29.32 -22.59 -35.65
CA LYS C 248 -28.97 -22.27 -37.03
C LYS C 248 -30.16 -21.75 -37.83
N ASN C 249 -31.40 -22.00 -37.37
CA ASN C 249 -32.58 -21.49 -38.04
C ASN C 249 -33.11 -20.23 -37.39
N LYS C 250 -32.41 -19.70 -36.37
CA LYS C 250 -32.82 -18.48 -35.73
C LYS C 250 -31.94 -17.36 -36.29
N LYS C 251 -32.57 -16.21 -36.52
CA LYS C 251 -31.90 -15.11 -37.20
C LYS C 251 -30.89 -14.47 -36.25
N PHE C 252 -31.29 -14.32 -34.98
CA PHE C 252 -30.50 -13.66 -33.97
C PHE C 252 -29.75 -14.69 -33.13
N GLY C 253 -28.54 -14.33 -32.69
CA GLY C 253 -27.89 -15.12 -31.66
C GLY C 253 -28.69 -15.09 -30.37
N LEU C 254 -28.30 -15.93 -29.38
CA LEU C 254 -29.04 -16.03 -28.14
C LEU C 254 -28.90 -14.80 -27.26
N SER C 255 -27.72 -14.20 -27.27
CA SER C 255 -27.42 -13.07 -26.40
C SER C 255 -26.16 -12.38 -26.90
N VAL C 256 -25.67 -11.39 -26.15
CA VAL C 256 -24.46 -10.70 -26.55
C VAL C 256 -23.29 -11.67 -26.63
N GLY C 257 -23.05 -12.46 -25.55
CA GLY C 257 -21.90 -13.35 -25.55
C GLY C 257 -22.14 -14.59 -26.43
N HIS C 258 -23.41 -15.00 -26.52
CA HIS C 258 -23.76 -16.15 -27.34
C HIS C 258 -24.38 -15.64 -28.65
N HIS C 259 -23.66 -14.74 -29.33
CA HIS C 259 -24.14 -14.14 -30.57
C HIS C 259 -24.03 -15.12 -31.74
N LEU C 260 -23.13 -16.11 -31.61
CA LEU C 260 -22.96 -17.22 -32.53
C LEU C 260 -22.57 -16.74 -33.93
N GLY C 261 -21.97 -15.54 -34.04
CA GLY C 261 -21.53 -15.01 -35.32
C GLY C 261 -22.70 -14.41 -36.12
N LYS C 262 -23.84 -14.19 -35.45
CA LYS C 262 -25.00 -13.61 -36.09
C LYS C 262 -25.32 -12.29 -35.41
N SER C 263 -26.41 -11.68 -35.88
CA SER C 263 -27.01 -10.50 -35.27
C SER C 263 -27.32 -10.73 -33.81
N ILE C 264 -26.88 -9.77 -32.98
CA ILE C 264 -27.23 -9.76 -31.58
C ILE C 264 -28.66 -9.28 -31.44
N PRO C 265 -29.53 -9.99 -30.67
CA PRO C 265 -30.89 -9.52 -30.43
C PRO C 265 -30.81 -8.13 -29.83
N THR C 266 -31.68 -7.22 -30.27
CA THR C 266 -31.47 -5.83 -29.93
C THR C 266 -31.71 -5.63 -28.43
N ASP C 267 -30.82 -4.84 -27.80
CA ASP C 267 -30.95 -4.49 -26.41
C ASP C 267 -31.06 -5.74 -25.51
N ASN C 268 -30.29 -6.77 -25.83
CA ASN C 268 -30.27 -8.01 -25.06
C ASN C 268 -29.89 -7.76 -23.59
N GLN C 269 -28.99 -6.82 -23.32
CA GLN C 269 -28.53 -6.58 -21.96
C GLN C 269 -29.19 -5.33 -21.35
N ILE C 270 -30.17 -4.75 -22.06
CA ILE C 270 -30.78 -3.50 -21.64
C ILE C 270 -32.29 -3.67 -21.45
N LYS C 271 -32.93 -4.51 -22.28
CA LYS C 271 -34.37 -4.72 -22.23
C LYS C 271 -34.68 -6.22 -22.20
N ALA C 272 -35.66 -6.57 -21.36
CA ALA C 272 -36.21 -7.90 -21.30
C ALA C 272 -37.00 -8.16 -22.58
N ARG C 273 -37.11 -9.44 -22.97
CA ARG C 273 -38.07 -9.87 -23.98
C ARG C 273 -39.49 -9.50 -23.52
N GLY D 3 16.95 1.91 -29.53
CA GLY D 3 16.39 1.08 -28.43
C GLY D 3 15.10 1.68 -27.89
N ARG D 4 14.01 0.89 -27.91
CA ARG D 4 12.72 1.34 -27.47
C ARG D 4 12.54 1.06 -25.97
N ARG D 5 11.47 1.60 -25.41
CA ARG D 5 11.18 1.52 -23.97
C ARG D 5 9.89 0.76 -23.75
N ALA D 6 9.91 -0.17 -22.79
CA ALA D 6 8.74 -0.95 -22.43
C ALA D 6 8.41 -0.73 -20.96
N LEU D 7 7.09 -0.67 -20.69
CA LEU D 7 6.54 -0.73 -19.33
C LEU D 7 5.73 -2.02 -19.21
N ILE D 8 6.06 -2.82 -18.19
CA ILE D 8 5.25 -3.98 -17.85
C ILE D 8 4.50 -3.71 -16.55
N VAL D 9 3.17 -3.75 -16.65
CA VAL D 9 2.31 -3.60 -15.50
C VAL D 9 1.79 -4.99 -15.11
N LEU D 10 2.21 -5.47 -13.93
CA LEU D 10 1.79 -6.78 -13.42
C LEU D 10 0.77 -6.62 -12.28
N ALA D 11 -0.30 -7.42 -12.31
CA ALA D 11 -1.33 -7.42 -11.28
C ALA D 11 -1.52 -8.83 -10.71
N HIS D 12 -0.56 -9.28 -9.90
CA HIS D 12 -0.66 -10.55 -9.20
C HIS D 12 0.19 -10.51 -7.93
N SER D 13 -0.39 -10.98 -6.82
CA SER D 13 0.21 -10.90 -5.49
C SER D 13 1.38 -11.86 -5.30
N GLU D 14 1.44 -12.97 -6.05
CA GLU D 14 2.40 -14.03 -5.78
C GLU D 14 3.57 -14.05 -6.74
N ARG D 15 4.78 -14.02 -6.19
CA ARG D 15 6.00 -14.13 -6.97
C ARG D 15 6.16 -15.55 -7.51
N THR D 16 5.42 -16.50 -6.94
CA THR D 16 5.46 -17.90 -7.35
C THR D 16 4.49 -18.18 -8.50
N SER D 17 3.74 -17.16 -8.93
CA SER D 17 2.67 -17.33 -9.90
C SER D 17 3.20 -17.49 -11.32
N PHE D 18 2.35 -18.06 -12.18
CA PHE D 18 2.66 -18.11 -13.60
C PHE D 18 2.70 -16.68 -14.15
N ASN D 19 1.80 -15.82 -13.65
CA ASN D 19 1.77 -14.43 -14.05
C ASN D 19 3.13 -13.79 -13.82
N TYR D 20 3.74 -14.02 -12.65
CA TYR D 20 5.03 -13.44 -12.35
C TYR D 20 6.06 -14.01 -13.31
N ALA D 21 5.97 -15.30 -13.63
CA ALA D 21 6.93 -15.92 -14.54
C ALA D 21 6.83 -15.27 -15.92
N MET D 22 5.61 -14.94 -16.36
CA MET D 22 5.38 -14.31 -17.65
C MET D 22 5.95 -12.89 -17.66
N LYS D 23 5.87 -12.18 -16.52
CA LYS D 23 6.45 -10.87 -16.39
C LYS D 23 7.95 -10.97 -16.54
N GLU D 24 8.56 -11.93 -15.82
CA GLU D 24 10.00 -12.14 -15.87
C GLU D 24 10.44 -12.51 -17.28
N ALA D 25 9.68 -13.39 -17.95
CA ALA D 25 10.02 -13.83 -19.29
C ALA D 25 9.97 -12.63 -20.25
N ALA D 26 8.92 -11.81 -20.15
CA ALA D 26 8.78 -10.62 -20.99
C ALA D 26 9.97 -9.69 -20.80
N ALA D 27 10.35 -9.45 -19.54
CA ALA D 27 11.43 -8.53 -19.23
C ALA D 27 12.74 -9.03 -19.84
N ALA D 28 13.00 -10.34 -19.71
CA ALA D 28 14.24 -10.94 -20.18
C ALA D 28 14.32 -10.88 -21.70
N ALA D 29 13.22 -11.20 -22.38
CA ALA D 29 13.19 -11.21 -23.85
C ALA D 29 13.36 -9.80 -24.41
N LEU D 30 12.73 -8.81 -23.78
CA LEU D 30 12.78 -7.44 -24.28
C LEU D 30 14.17 -6.85 -24.06
N LYS D 31 14.75 -7.11 -22.87
CA LYS D 31 16.10 -6.63 -22.58
C LYS D 31 17.13 -7.26 -23.52
N LYS D 32 16.97 -8.54 -23.83
CA LYS D 32 17.87 -9.25 -24.72
C LYS D 32 17.89 -8.58 -26.10
N LYS D 33 16.77 -7.99 -26.52
CA LYS D 33 16.68 -7.30 -27.80
C LYS D 33 16.98 -5.80 -27.65
N GLY D 34 17.52 -5.38 -26.50
CA GLY D 34 17.99 -4.02 -26.32
C GLY D 34 16.92 -3.01 -25.91
N TRP D 35 15.72 -3.50 -25.48
CA TRP D 35 14.73 -2.60 -24.90
C TRP D 35 15.20 -2.17 -23.51
N GLU D 36 14.84 -0.95 -23.13
CA GLU D 36 14.79 -0.53 -21.73
C GLU D 36 13.43 -0.96 -21.16
N VAL D 37 13.44 -1.69 -20.05
CA VAL D 37 12.23 -2.25 -19.45
C VAL D 37 12.06 -1.71 -18.03
N VAL D 38 10.90 -1.08 -17.79
CA VAL D 38 10.48 -0.60 -16.48
C VAL D 38 9.25 -1.39 -16.06
N GLU D 39 9.06 -1.55 -14.74
CA GLU D 39 7.96 -2.35 -14.21
C GLU D 39 7.08 -1.52 -13.27
N SER D 40 5.80 -1.87 -13.26
CA SER D 40 4.88 -1.51 -12.20
C SER D 40 4.24 -2.80 -11.71
N ASP D 41 4.91 -3.39 -10.71
CA ASP D 41 4.37 -4.55 -10.00
C ASP D 41 3.44 -4.02 -8.93
N LEU D 42 2.14 -3.92 -9.26
CA LEU D 42 1.20 -3.17 -8.46
C LEU D 42 1.11 -3.72 -7.03
N TYR D 43 1.08 -5.04 -6.87
CA TYR D 43 1.04 -5.59 -5.52
C TYR D 43 2.34 -5.31 -4.78
N ALA D 44 3.50 -5.46 -5.43
CA ALA D 44 4.76 -5.23 -4.74
C ALA D 44 4.92 -3.77 -4.37
N MET D 45 4.30 -2.87 -5.14
CA MET D 45 4.31 -1.44 -4.86
C MET D 45 3.30 -1.06 -3.77
N ASN D 46 2.41 -1.99 -3.39
CA ASN D 46 1.29 -1.65 -2.51
C ASN D 46 0.50 -0.50 -3.13
N PHE D 47 0.29 -0.58 -4.47
CA PHE D 47 -0.30 0.51 -5.20
C PHE D 47 -1.69 0.80 -4.65
N ASN D 48 -2.00 2.08 -4.41
CA ASN D 48 -3.30 2.54 -3.95
C ASN D 48 -4.25 2.62 -5.13
N PRO D 49 -5.29 1.77 -5.24
CA PRO D 49 -6.11 1.73 -6.45
C PRO D 49 -7.42 2.52 -6.37
N ILE D 50 -7.60 3.30 -5.30
CA ILE D 50 -8.88 3.97 -5.10
C ILE D 50 -8.76 5.46 -5.40
N ILE D 51 -9.51 5.94 -6.40
CA ILE D 51 -9.60 7.38 -6.67
C ILE D 51 -10.26 8.10 -5.50
N SER D 52 -9.74 9.29 -5.19
CA SER D 52 -10.32 10.12 -4.15
C SER D 52 -9.76 11.54 -4.28
N ARG D 53 -10.28 12.46 -3.45
CA ARG D 53 -9.77 13.81 -3.39
C ARG D 53 -8.29 13.85 -3.01
N LYS D 54 -7.77 12.83 -2.34
CA LYS D 54 -6.38 12.83 -1.94
C LYS D 54 -5.43 12.72 -3.13
N ASP D 55 -5.98 12.41 -4.32
CA ASP D 55 -5.16 12.36 -5.52
C ASP D 55 -4.73 13.76 -5.99
N ILE D 56 -5.39 14.79 -5.47
CA ILE D 56 -5.13 16.18 -5.79
C ILE D 56 -4.58 16.83 -4.52
N THR D 57 -3.35 17.33 -4.60
CA THR D 57 -2.64 17.86 -3.42
C THR D 57 -2.81 19.37 -3.32
N GLY D 58 -3.21 20.05 -4.41
CA GLY D 58 -3.40 21.49 -4.42
C GLY D 58 -4.82 21.90 -4.02
N LYS D 59 -5.11 23.20 -4.11
CA LYS D 59 -6.42 23.77 -3.79
C LYS D 59 -7.42 23.33 -4.86
N LEU D 60 -8.58 22.80 -4.43
CA LEU D 60 -9.61 22.33 -5.33
C LEU D 60 -10.37 23.53 -5.90
N LYS D 61 -10.84 23.41 -7.14
CA LYS D 61 -11.67 24.44 -7.74
C LYS D 61 -13.00 24.56 -6.98
N ASP D 62 -13.64 23.43 -6.66
CA ASP D 62 -14.96 23.43 -6.04
C ASP D 62 -15.04 22.29 -5.01
N PRO D 63 -14.53 22.49 -3.78
CA PRO D 63 -14.49 21.43 -2.77
C PRO D 63 -15.85 21.02 -2.22
N ALA D 64 -16.86 21.86 -2.44
CA ALA D 64 -18.22 21.60 -1.98
C ALA D 64 -18.94 20.61 -2.90
N ASN D 65 -18.55 20.60 -4.19
CA ASN D 65 -19.10 19.70 -5.18
C ASN D 65 -17.92 19.09 -5.95
N PHE D 66 -17.24 18.14 -5.30
CA PHE D 66 -16.02 17.54 -5.81
C PHE D 66 -16.34 16.66 -7.01
N GLN D 67 -15.72 16.99 -8.15
CA GLN D 67 -15.85 16.27 -9.40
C GLN D 67 -14.49 15.75 -9.82
N TYR D 68 -14.28 14.44 -9.71
CA TYR D 68 -12.95 13.88 -9.90
C TYR D 68 -12.40 14.21 -11.28
N PRO D 69 -13.17 14.03 -12.39
CA PRO D 69 -12.65 14.32 -13.72
C PRO D 69 -12.07 15.72 -13.83
N ALA D 70 -12.90 16.74 -13.51
CA ALA D 70 -12.48 18.14 -13.66
C ALA D 70 -11.32 18.46 -12.72
N GLU D 71 -11.39 17.97 -11.48
CA GLU D 71 -10.41 18.33 -10.47
C GLU D 71 -9.07 17.68 -10.77
N SER D 72 -9.08 16.43 -11.25
CA SER D 72 -7.85 15.72 -11.56
C SER D 72 -7.15 16.38 -12.74
N VAL D 73 -7.93 16.81 -13.74
CA VAL D 73 -7.38 17.45 -14.93
C VAL D 73 -6.69 18.74 -14.53
N LEU D 74 -7.34 19.54 -13.67
CA LEU D 74 -6.74 20.75 -13.14
C LEU D 74 -5.43 20.44 -12.43
N ALA D 75 -5.41 19.39 -11.61
CA ALA D 75 -4.22 19.02 -10.88
C ALA D 75 -3.12 18.62 -11.86
N TYR D 76 -3.50 17.89 -12.91
CA TYR D 76 -2.54 17.46 -13.93
C TYR D 76 -1.90 18.71 -14.54
N LYS D 77 -2.73 19.67 -14.93
CA LYS D 77 -2.25 20.87 -15.63
C LYS D 77 -1.43 21.79 -14.73
N GLU D 78 -1.79 21.85 -13.44
CA GLU D 78 -1.14 22.77 -12.49
C GLU D 78 0.07 22.12 -11.81
N GLY D 79 0.19 20.79 -11.92
CA GLY D 79 1.29 20.07 -11.34
C GLY D 79 1.06 19.66 -9.89
N HIS D 80 -0.19 19.41 -9.47
CA HIS D 80 -0.43 19.00 -8.09
C HIS D 80 -1.18 17.67 -7.96
N LEU D 81 -0.96 16.75 -8.92
CA LEU D 81 -1.38 15.36 -8.73
C LEU D 81 -0.49 14.70 -7.69
N SER D 82 -1.05 13.70 -6.97
CA SER D 82 -0.31 12.96 -5.98
C SER D 82 0.96 12.38 -6.61
N PRO D 83 2.13 12.48 -5.95
CA PRO D 83 3.38 11.97 -6.51
C PRO D 83 3.38 10.51 -6.99
N ASP D 84 2.64 9.61 -6.30
CA ASP D 84 2.59 8.22 -6.75
C ASP D 84 1.96 8.14 -8.16
N ILE D 85 0.93 8.93 -8.42
CA ILE D 85 0.31 8.99 -9.74
C ILE D 85 1.31 9.54 -10.77
N VAL D 86 1.99 10.62 -10.42
CA VAL D 86 2.94 11.29 -11.31
C VAL D 86 4.04 10.31 -11.71
N ALA D 87 4.52 9.50 -10.77
CA ALA D 87 5.55 8.53 -11.07
C ALA D 87 5.09 7.53 -12.14
N GLU D 88 3.83 7.08 -12.06
CA GLU D 88 3.30 6.16 -13.05
C GLU D 88 3.15 6.86 -14.41
N GLN D 89 2.62 8.09 -14.40
CA GLN D 89 2.49 8.89 -15.61
C GLN D 89 3.83 9.04 -16.32
N LYS D 90 4.92 9.21 -15.57
CA LYS D 90 6.23 9.35 -16.16
C LYS D 90 6.69 8.06 -16.83
N LYS D 91 6.40 6.91 -16.21
CA LYS D 91 6.71 5.63 -16.84
C LYS D 91 5.99 5.51 -18.19
N LEU D 92 4.69 5.86 -18.18
CA LEU D 92 3.84 5.75 -19.36
C LEU D 92 4.34 6.67 -20.46
N GLU D 93 4.64 7.93 -20.11
CA GLU D 93 5.15 8.90 -21.05
C GLU D 93 6.39 8.36 -21.74
N ALA D 94 7.27 7.70 -20.99
CA ALA D 94 8.53 7.20 -21.54
C ALA D 94 8.32 5.99 -22.46
N ALA D 95 7.30 5.17 -22.17
CA ALA D 95 7.17 3.86 -22.78
C ALA D 95 6.65 3.93 -24.22
N ASP D 96 7.25 3.11 -25.09
CA ASP D 96 6.74 2.84 -26.44
C ASP D 96 5.72 1.71 -26.40
N LEU D 97 6.04 0.66 -25.63
CA LEU D 97 5.21 -0.52 -25.49
C LEU D 97 4.77 -0.65 -24.03
N VAL D 98 3.50 -0.96 -23.82
CA VAL D 98 2.98 -1.24 -22.50
C VAL D 98 2.33 -2.63 -22.51
N ILE D 99 2.86 -3.51 -21.65
CA ILE D 99 2.34 -4.84 -21.46
C ILE D 99 1.60 -4.87 -20.13
N PHE D 100 0.35 -5.35 -20.17
CA PHE D 100 -0.43 -5.64 -18.98
C PHE D 100 -0.51 -7.15 -18.78
N GLN D 101 0.11 -7.62 -17.69
CA GLN D 101 0.13 -9.02 -17.31
C GLN D 101 -0.76 -9.24 -16.10
N PHE D 102 -1.81 -10.03 -16.25
CA PHE D 102 -2.76 -10.25 -15.17
C PHE D 102 -3.57 -11.53 -15.36
N PRO D 103 -4.04 -12.12 -14.24
CA PRO D 103 -5.08 -13.14 -14.30
C PRO D 103 -6.42 -12.51 -14.56
N LEU D 104 -7.21 -13.12 -15.44
CA LEU D 104 -8.60 -12.73 -15.58
C LEU D 104 -9.32 -12.95 -14.25
N GLN D 105 -10.02 -11.93 -13.80
CA GLN D 105 -10.77 -11.95 -12.55
C GLN D 105 -12.15 -11.36 -12.81
N TRP D 106 -13.18 -12.19 -12.61
CA TRP D 106 -14.56 -11.78 -12.81
C TRP D 106 -14.68 -11.08 -14.18
N PHE D 107 -14.14 -11.76 -15.20
CA PHE D 107 -14.29 -11.39 -16.61
C PHE D 107 -13.68 -10.01 -16.89
N GLY D 108 -12.66 -9.64 -16.11
CA GLY D 108 -11.99 -8.37 -16.34
C GLY D 108 -10.64 -8.29 -15.64
N VAL D 109 -10.16 -7.06 -15.53
CA VAL D 109 -8.87 -6.81 -14.92
C VAL D 109 -9.06 -6.87 -13.40
N PRO D 110 -8.03 -7.29 -12.64
CA PRO D 110 -8.05 -7.18 -11.18
C PRO D 110 -8.35 -5.75 -10.73
N ALA D 111 -9.01 -5.63 -9.57
CA ALA D 111 -9.39 -4.34 -9.03
C ALA D 111 -8.16 -3.43 -8.93
N ILE D 112 -6.99 -3.97 -8.55
CA ILE D 112 -5.80 -3.13 -8.36
C ILE D 112 -5.37 -2.51 -9.69
N LEU D 113 -5.56 -3.25 -10.81
CA LEU D 113 -5.23 -2.74 -12.13
C LEU D 113 -6.32 -1.79 -12.63
N LYS D 114 -7.60 -2.10 -12.39
CA LYS D 114 -8.67 -1.18 -12.72
C LYS D 114 -8.41 0.18 -12.07
N GLY D 115 -7.97 0.15 -10.80
CA GLY D 115 -7.75 1.37 -10.06
C GLY D 115 -6.53 2.13 -10.58
N TRP D 116 -5.52 1.39 -11.07
CA TRP D 116 -4.38 2.02 -11.73
C TRP D 116 -4.83 2.81 -12.95
N PHE D 117 -5.71 2.24 -13.76
CA PHE D 117 -6.27 2.99 -14.88
C PHE D 117 -7.00 4.23 -14.39
N GLU D 118 -7.81 4.06 -13.34
CA GLU D 118 -8.64 5.13 -12.83
C GLU D 118 -7.79 6.29 -12.30
N ARG D 119 -6.72 5.99 -11.56
CA ARG D 119 -5.92 7.06 -10.96
C ARG D 119 -4.88 7.61 -11.93
N VAL D 120 -4.44 6.81 -12.92
CA VAL D 120 -3.27 7.19 -13.72
C VAL D 120 -3.71 7.78 -15.07
N PHE D 121 -4.77 7.24 -15.68
CA PHE D 121 -5.26 7.75 -16.97
C PHE D 121 -6.15 8.96 -16.73
N ILE D 122 -5.51 10.07 -16.36
CA ILE D 122 -6.19 11.31 -16.11
C ILE D 122 -6.47 12.02 -17.43
N GLY D 123 -7.60 12.73 -17.48
CA GLY D 123 -7.93 13.59 -18.60
C GLY D 123 -6.76 14.50 -19.00
N GLU D 124 -6.67 14.77 -20.31
CA GLU D 124 -5.64 15.58 -20.93
C GLU D 124 -4.34 14.80 -21.06
N PHE D 125 -3.90 14.16 -19.95
CA PHE D 125 -2.75 13.28 -20.01
C PHE D 125 -3.01 12.07 -20.90
N ALA D 126 -4.10 11.34 -20.65
CA ALA D 126 -4.33 10.04 -21.29
C ALA D 126 -5.45 10.10 -22.33
N TYR D 127 -6.37 11.07 -22.21
CA TYR D 127 -7.44 11.17 -23.20
C TYR D 127 -7.95 12.61 -23.23
N THR D 128 -8.59 12.97 -24.34
CA THR D 128 -9.51 14.10 -24.32
C THR D 128 -10.61 13.82 -25.29
N TYR D 129 -11.71 14.49 -24.85
CA TYR D 129 -12.79 14.43 -25.77
C TYR D 129 -12.44 14.88 -27.18
N ALA D 130 -11.73 16.02 -27.39
CA ALA D 130 -11.40 16.61 -28.66
C ALA D 130 -10.58 15.68 -29.53
N ALA D 131 -9.93 14.67 -28.92
CA ALA D 131 -9.13 13.71 -29.67
C ALA D 131 -9.29 12.29 -29.10
N MET D 132 -10.48 11.70 -29.27
CA MET D 132 -10.75 10.36 -28.81
C MET D 132 -10.06 9.33 -29.70
N TYR D 133 -9.79 8.14 -29.14
CA TYR D 133 -9.49 6.94 -29.90
C TYR D 133 -8.23 7.14 -30.75
N ASP D 134 -8.31 6.98 -32.09
CA ASP D 134 -7.10 6.95 -32.91
C ASP D 134 -6.36 8.30 -32.93
N LYS D 135 -6.98 9.36 -32.42
CA LYS D 135 -6.32 10.67 -32.31
C LYS D 135 -5.83 10.92 -30.89
N GLY D 136 -5.84 9.91 -30.01
CA GLY D 136 -5.57 10.15 -28.60
C GLY D 136 -4.11 10.29 -28.27
N PRO D 137 -3.77 10.74 -27.03
CA PRO D 137 -2.38 11.03 -26.68
C PRO D 137 -1.37 9.89 -26.83
N PHE D 138 -1.85 8.64 -26.74
CA PHE D 138 -0.96 7.49 -26.76
C PHE D 138 -0.88 6.83 -28.14
N ARG D 139 -1.30 7.53 -29.19
N ARG D 139 -1.30 7.55 -29.18
CA ARG D 139 -1.36 6.97 -30.53
CA ARG D 139 -1.37 6.97 -30.52
C ARG D 139 -0.02 6.52 -31.09
C ARG D 139 -0.03 6.55 -31.10
N SER D 140 1.09 7.00 -30.53
CA SER D 140 2.42 6.55 -30.97
C SER D 140 2.89 5.34 -30.16
N LYS D 141 2.06 4.88 -29.21
CA LYS D 141 2.41 3.75 -28.36
C LYS D 141 1.59 2.51 -28.75
N LYS D 142 2.07 1.35 -28.31
CA LYS D 142 1.36 0.10 -28.49
C LYS D 142 1.14 -0.54 -27.12
N ALA D 143 -0.03 -1.15 -26.95
CA ALA D 143 -0.39 -1.84 -25.71
C ALA D 143 -0.80 -3.27 -26.04
N VAL D 144 -0.53 -4.18 -25.09
CA VAL D 144 -0.94 -5.58 -25.25
C VAL D 144 -1.34 -6.15 -23.89
N LEU D 145 -2.43 -6.92 -23.89
CA LEU D 145 -2.87 -7.68 -22.74
C LEU D 145 -2.29 -9.09 -22.82
N SER D 146 -1.70 -9.53 -21.70
CA SER D 146 -1.32 -10.92 -21.51
C SER D 146 -2.10 -11.46 -20.31
N ILE D 147 -3.07 -12.34 -20.61
CA ILE D 147 -4.09 -12.77 -19.68
C ILE D 147 -3.99 -14.27 -19.44
N THR D 148 -4.09 -14.68 -18.17
CA THR D 148 -4.27 -16.07 -17.81
C THR D 148 -5.69 -16.28 -17.34
N THR D 149 -6.25 -17.48 -17.58
CA THR D 149 -7.59 -17.77 -17.12
C THR D 149 -7.62 -19.10 -16.38
N GLY D 150 -8.62 -19.27 -15.53
CA GLY D 150 -8.97 -20.57 -14.97
C GLY D 150 -9.77 -21.41 -15.98
N GLY D 151 -10.74 -20.76 -16.64
CA GLY D 151 -11.61 -21.41 -17.62
C GLY D 151 -10.87 -21.79 -18.90
N SER D 152 -11.28 -22.91 -19.53
CA SER D 152 -10.71 -23.35 -20.79
C SER D 152 -11.17 -22.45 -21.95
N GLY D 153 -10.40 -22.52 -23.02
CA GLY D 153 -10.67 -21.82 -24.27
C GLY D 153 -12.07 -22.10 -24.80
N SER D 154 -12.52 -23.36 -24.69
CA SER D 154 -13.81 -23.75 -25.21
C SER D 154 -14.94 -23.01 -24.48
N MET D 155 -14.76 -22.74 -23.18
N MET D 155 -14.71 -22.71 -23.19
CA MET D 155 -15.78 -22.06 -22.41
CA MET D 155 -15.71 -22.06 -22.36
C MET D 155 -16.00 -20.64 -22.95
C MET D 155 -15.98 -20.64 -22.88
N TYR D 156 -14.98 -20.10 -23.61
CA TYR D 156 -14.99 -18.72 -24.13
C TYR D 156 -15.12 -18.67 -25.66
N SER D 157 -15.38 -19.83 -26.28
CA SER D 157 -15.70 -19.91 -27.70
C SER D 157 -17.08 -19.36 -27.92
N LEU D 158 -17.56 -19.30 -29.17
N LEU D 158 -17.32 -18.93 -29.15
CA LEU D 158 -18.89 -18.76 -29.45
CA LEU D 158 -18.67 -19.07 -29.61
C LEU D 158 -20.03 -19.53 -28.77
C LEU D 158 -18.99 -20.48 -29.13
N GLN D 159 -20.25 -20.80 -29.05
CA GLN D 159 -20.86 -21.83 -28.24
C GLN D 159 -20.46 -22.16 -26.80
N GLY D 160 -19.45 -21.53 -26.18
CA GLY D 160 -19.06 -21.83 -24.80
C GLY D 160 -19.96 -21.16 -23.78
N ILE D 161 -20.07 -21.79 -22.59
CA ILE D 161 -20.99 -21.36 -21.56
C ILE D 161 -20.73 -19.89 -21.19
N HIS D 162 -19.46 -19.45 -21.21
CA HIS D 162 -19.16 -18.06 -20.82
C HIS D 162 -19.45 -17.07 -21.94
N GLY D 163 -19.49 -17.59 -23.17
CA GLY D 163 -19.66 -16.73 -24.34
C GLY D 163 -18.32 -16.22 -24.86
N ASP D 164 -18.40 -15.41 -25.92
CA ASP D 164 -17.29 -15.05 -26.75
C ASP D 164 -16.30 -14.17 -25.97
N MET D 165 -15.04 -14.60 -25.92
CA MET D 165 -13.96 -13.84 -25.31
C MET D 165 -13.82 -12.48 -26.01
N ASN D 166 -14.12 -12.39 -27.31
CA ASN D 166 -13.99 -11.11 -27.99
C ASN D 166 -14.85 -10.05 -27.33
N VAL D 167 -16.02 -10.42 -26.81
CA VAL D 167 -16.91 -9.50 -26.13
C VAL D 167 -16.33 -9.07 -24.78
N ILE D 168 -15.73 -10.02 -24.05
CA ILE D 168 -15.11 -9.75 -22.76
C ILE D 168 -13.98 -8.73 -22.93
N LEU D 169 -13.15 -8.91 -23.97
CA LEU D 169 -11.97 -8.09 -24.17
C LEU D 169 -12.36 -6.67 -24.58
N TRP D 170 -13.50 -6.48 -25.23
CA TRP D 170 -13.82 -5.22 -25.89
C TRP D 170 -13.76 -4.02 -24.94
N PRO D 171 -14.47 -3.98 -23.79
CA PRO D 171 -14.42 -2.79 -22.94
C PRO D 171 -13.02 -2.41 -22.46
N ILE D 172 -12.11 -3.37 -22.33
CA ILE D 172 -10.74 -3.08 -21.93
C ILE D 172 -9.95 -2.55 -23.15
N GLN D 173 -9.97 -3.29 -24.26
CA GLN D 173 -9.10 -2.99 -25.38
C GLN D 173 -9.60 -1.76 -26.13
N SER D 174 -10.91 -1.62 -26.31
CA SER D 174 -11.46 -0.45 -26.98
C SER D 174 -11.65 0.69 -25.98
N GLY D 175 -12.32 0.40 -24.86
CA GLY D 175 -12.79 1.44 -23.96
C GLY D 175 -11.69 2.07 -23.10
N ILE D 176 -10.67 1.31 -22.76
CA ILE D 176 -9.57 1.82 -21.95
C ILE D 176 -8.38 2.12 -22.86
N LEU D 177 -7.85 1.12 -23.60
CA LEU D 177 -6.57 1.26 -24.25
C LEU D 177 -6.72 2.09 -25.53
N HIS D 178 -7.64 1.68 -26.42
CA HIS D 178 -7.78 2.38 -27.70
C HIS D 178 -8.33 3.79 -27.51
N PHE D 179 -9.22 4.00 -26.53
CA PHE D 179 -9.79 5.30 -26.22
C PHE D 179 -8.68 6.35 -26.04
N CYS D 180 -7.59 5.94 -25.39
CA CYS D 180 -6.47 6.81 -25.09
C CYS D 180 -5.50 6.95 -26.25
N GLY D 181 -5.73 6.21 -27.35
CA GLY D 181 -4.91 6.33 -28.54
C GLY D 181 -4.06 5.10 -28.83
N PHE D 182 -3.87 4.21 -27.85
CA PHE D 182 -2.98 3.10 -28.08
C PHE D 182 -3.41 2.31 -29.30
N GLN D 183 -2.41 1.87 -30.06
CA GLN D 183 -2.59 0.73 -30.94
C GLN D 183 -2.56 -0.54 -30.07
N VAL D 184 -3.57 -1.38 -30.22
CA VAL D 184 -3.70 -2.56 -29.39
C VAL D 184 -3.30 -3.79 -30.21
N LEU D 185 -2.26 -4.48 -29.73
CA LEU D 185 -1.81 -5.72 -30.32
C LEU D 185 -2.70 -6.88 -29.86
N GLU D 186 -2.62 -7.98 -30.63
CA GLU D 186 -3.33 -9.20 -30.32
C GLU D 186 -3.01 -9.60 -28.87
N PRO D 187 -4.02 -9.92 -28.05
CA PRO D 187 -3.78 -10.38 -26.67
C PRO D 187 -3.07 -11.72 -26.65
N GLN D 188 -2.20 -11.89 -25.66
CA GLN D 188 -1.67 -13.21 -25.35
C GLN D 188 -2.66 -13.87 -24.38
N LEU D 189 -3.37 -14.89 -24.86
CA LEU D 189 -4.43 -15.52 -24.08
C LEU D 189 -3.95 -16.89 -23.62
N THR D 190 -3.77 -17.04 -22.31
CA THR D 190 -3.27 -18.30 -21.74
C THR D 190 -4.40 -18.95 -20.95
N TYR D 191 -5.13 -19.87 -21.60
CA TYR D 191 -6.35 -20.44 -21.03
C TYR D 191 -6.01 -21.61 -20.10
N SER D 192 -6.86 -21.79 -19.09
CA SER D 192 -6.83 -22.86 -18.11
C SER D 192 -5.40 -23.21 -17.73
N ILE D 193 -4.69 -22.20 -17.21
CA ILE D 193 -3.28 -22.35 -16.91
C ILE D 193 -3.10 -23.29 -15.71
N GLY D 194 -4.14 -23.45 -14.88
CA GLY D 194 -4.11 -24.37 -13.76
C GLY D 194 -4.18 -25.85 -14.17
N HIS D 195 -4.51 -26.12 -15.43
CA HIS D 195 -4.71 -27.47 -15.93
C HIS D 195 -3.71 -27.78 -17.06
N THR D 196 -2.71 -26.91 -17.23
CA THR D 196 -1.78 -27.07 -18.35
C THR D 196 -0.61 -27.93 -17.88
N PRO D 197 -0.21 -28.98 -18.65
CA PRO D 197 0.95 -29.81 -18.31
C PRO D 197 2.27 -29.04 -18.31
N ALA D 198 3.23 -29.53 -17.52
CA ALA D 198 4.47 -28.83 -17.23
C ALA D 198 5.21 -28.41 -18.50
N ASP D 199 5.29 -29.31 -19.48
CA ASP D 199 6.07 -29.06 -20.67
C ASP D 199 5.41 -28.01 -21.54
N ALA D 200 4.08 -27.98 -21.53
CA ALA D 200 3.30 -27.02 -22.29
C ALA D 200 3.43 -25.62 -21.66
N ARG D 201 3.50 -25.55 -20.33
CA ARG D 201 3.68 -24.28 -19.65
C ARG D 201 5.04 -23.69 -20.00
N ILE D 202 6.06 -24.54 -20.08
CA ILE D 202 7.39 -24.09 -20.50
C ILE D 202 7.28 -23.52 -21.91
N GLN D 203 6.46 -24.13 -22.78
CA GLN D 203 6.31 -23.67 -24.15
C GLN D 203 5.57 -22.34 -24.20
N ILE D 204 4.66 -22.10 -23.25
CA ILE D 204 3.92 -20.85 -23.20
C ILE D 204 4.91 -19.72 -22.95
N LEU D 205 5.82 -19.93 -21.98
CA LEU D 205 6.82 -18.93 -21.66
C LEU D 205 7.71 -18.65 -22.85
N GLU D 206 8.15 -19.72 -23.53
CA GLU D 206 9.04 -19.59 -24.66
C GLU D 206 8.38 -18.89 -25.84
N GLY D 207 7.10 -19.20 -26.08
CA GLY D 207 6.34 -18.63 -27.17
C GLY D 207 6.10 -17.13 -26.98
N TRP D 208 5.94 -16.73 -25.71
CA TRP D 208 5.75 -15.33 -25.35
C TRP D 208 7.04 -14.56 -25.61
N LYS D 209 8.17 -15.11 -25.18
CA LYS D 209 9.47 -14.50 -25.42
C LYS D 209 9.71 -14.36 -26.93
N LYS D 210 9.38 -15.42 -27.69
CA LYS D 210 9.56 -15.44 -29.13
C LYS D 210 8.76 -14.31 -29.77
N ARG D 211 7.49 -14.21 -29.39
CA ARG D 211 6.63 -13.17 -29.92
C ARG D 211 7.23 -11.79 -29.69
N LEU D 212 7.78 -11.59 -28.47
CA LEU D 212 8.24 -10.28 -28.04
C LEU D 212 9.46 -9.82 -28.82
N GLU D 213 10.21 -10.78 -29.38
CA GLU D 213 11.38 -10.47 -30.19
C GLU D 213 11.01 -9.54 -31.36
N ASN D 214 9.79 -9.64 -31.89
CA ASN D 214 9.37 -8.88 -33.06
C ASN D 214 8.04 -8.16 -32.84
N ILE D 215 7.69 -7.87 -31.58
CA ILE D 215 6.35 -7.42 -31.21
C ILE D 215 6.03 -6.11 -31.95
N TRP D 216 7.02 -5.25 -32.11
CA TRP D 216 6.79 -3.92 -32.66
C TRP D 216 6.34 -3.96 -34.12
N ASP D 217 6.59 -5.07 -34.81
CA ASP D 217 6.30 -5.15 -36.23
C ASP D 217 4.91 -5.73 -36.49
N GLU D 218 4.21 -6.21 -35.45
CA GLU D 218 2.91 -6.82 -35.65
C GLU D 218 1.88 -5.80 -36.11
N THR D 219 0.89 -6.27 -36.86
CA THR D 219 -0.28 -5.50 -37.21
C THR D 219 -1.18 -5.45 -35.97
N PRO D 220 -1.64 -4.24 -35.55
CA PRO D 220 -2.56 -4.15 -34.42
C PRO D 220 -3.97 -4.58 -34.77
N LEU D 221 -4.79 -4.75 -33.72
CA LEU D 221 -6.19 -5.05 -33.87
C LEU D 221 -6.89 -3.93 -34.63
N TYR D 222 -7.97 -4.31 -35.29
CA TYR D 222 -8.82 -3.37 -36.01
C TYR D 222 -9.93 -2.82 -35.12
N PHE D 223 -9.96 -1.49 -35.02
CA PHE D 223 -11.10 -0.73 -34.52
C PHE D 223 -11.57 0.20 -35.65
N ALA D 224 -12.86 0.55 -35.63
CA ALA D 224 -13.39 1.54 -36.57
C ALA D 224 -12.62 2.85 -36.41
N PRO D 225 -12.02 3.42 -37.49
CA PRO D 225 -11.38 4.74 -37.39
C PRO D 225 -12.37 5.83 -36.97
N SER D 226 -11.88 6.83 -36.23
CA SER D 226 -12.72 7.92 -35.76
C SER D 226 -13.23 8.76 -36.93
N SER D 227 -12.52 8.73 -38.05
CA SER D 227 -12.93 9.42 -39.28
C SER D 227 -14.30 8.96 -39.78
N LEU D 228 -14.81 7.80 -39.32
CA LEU D 228 -16.12 7.31 -39.72
C LEU D 228 -17.25 8.02 -38.97
N PHE D 229 -16.89 8.86 -37.97
CA PHE D 229 -17.87 9.43 -37.07
C PHE D 229 -17.81 10.96 -37.12
N ASP D 230 -18.96 11.57 -36.82
CA ASP D 230 -19.05 13.01 -36.63
C ASP D 230 -18.81 13.33 -35.15
N LEU D 231 -17.62 13.89 -34.86
CA LEU D 231 -17.09 13.93 -33.51
C LEU D 231 -17.41 15.26 -32.83
N ASN D 232 -18.70 15.48 -32.60
CA ASN D 232 -19.14 16.66 -31.91
C ASN D 232 -20.50 16.34 -31.30
N PHE D 233 -20.87 17.13 -30.28
CA PHE D 233 -22.04 16.84 -29.45
C PHE D 233 -23.33 16.95 -30.26
N GLN D 234 -23.37 17.89 -31.20
CA GLN D 234 -24.57 18.12 -31.99
C GLN D 234 -24.87 16.89 -32.82
N ALA D 235 -23.83 16.24 -33.35
CA ALA D 235 -23.99 15.06 -34.18
C ALA D 235 -24.11 13.79 -33.32
N GLY D 236 -23.94 13.94 -32.01
CA GLY D 236 -24.09 12.84 -31.05
C GLY D 236 -22.96 11.82 -31.15
N PHE D 237 -21.83 12.22 -31.73
CA PHE D 237 -20.69 11.35 -31.99
C PHE D 237 -21.13 10.11 -32.77
N LEU D 238 -22.10 10.29 -33.69
CA LEU D 238 -22.64 9.18 -34.47
C LEU D 238 -21.87 9.01 -35.77
N MET D 239 -21.92 7.77 -36.29
CA MET D 239 -21.32 7.40 -37.55
C MET D 239 -21.89 8.32 -38.65
N LYS D 240 -21.02 8.76 -39.56
CA LYS D 240 -21.43 9.65 -40.63
C LYS D 240 -22.49 8.96 -41.50
N LYS D 241 -23.45 9.76 -41.99
CA LYS D 241 -24.54 9.27 -42.82
C LYS D 241 -24.00 8.49 -44.03
N GLU D 242 -22.95 9.01 -44.68
CA GLU D 242 -22.44 8.40 -45.89
C GLU D 242 -21.77 7.06 -45.58
N VAL D 243 -21.20 6.95 -44.38
CA VAL D 243 -20.64 5.68 -43.92
C VAL D 243 -21.77 4.70 -43.63
N GLN D 244 -22.84 5.17 -43.00
CA GLN D 244 -23.99 4.32 -42.67
C GLN D 244 -24.60 3.76 -43.95
N ASP D 245 -24.67 4.60 -44.99
CA ASP D 245 -25.26 4.22 -46.27
C ASP D 245 -24.40 3.14 -46.91
N GLU D 246 -23.09 3.39 -46.95
CA GLU D 246 -22.14 2.45 -47.50
C GLU D 246 -22.17 1.10 -46.76
N GLU D 247 -22.36 1.12 -45.43
CA GLU D 247 -22.23 -0.13 -44.67
C GLU D 247 -23.46 -1.03 -44.85
N LYS D 248 -24.59 -0.43 -45.24
CA LYS D 248 -25.90 -1.06 -45.16
C LYS D 248 -25.97 -2.37 -45.97
N ASN D 249 -25.13 -2.50 -46.99
CA ASN D 249 -25.16 -3.64 -47.88
C ASN D 249 -24.07 -4.65 -47.52
N LYS D 250 -23.35 -4.42 -46.40
CA LYS D 250 -22.26 -5.31 -46.03
C LYS D 250 -22.77 -6.29 -44.97
N LYS D 251 -22.29 -7.53 -45.02
CA LYS D 251 -22.84 -8.58 -44.18
C LYS D 251 -22.34 -8.40 -42.74
N PHE D 252 -21.07 -8.09 -42.59
CA PHE D 252 -20.43 -7.99 -41.28
C PHE D 252 -20.40 -6.55 -40.78
N GLY D 253 -20.57 -6.37 -39.46
CA GLY D 253 -20.27 -5.10 -38.82
C GLY D 253 -18.77 -4.87 -38.82
N LEU D 254 -18.33 -3.80 -38.14
CA LEU D 254 -16.95 -3.30 -38.26
C LEU D 254 -16.06 -3.85 -37.15
N SER D 255 -16.64 -4.05 -35.99
CA SER D 255 -15.90 -4.53 -34.82
C SER D 255 -16.91 -5.07 -33.82
N VAL D 256 -16.41 -5.51 -32.64
CA VAL D 256 -17.31 -6.01 -31.62
C VAL D 256 -18.32 -4.94 -31.22
N GLY D 257 -17.84 -3.74 -30.82
CA GLY D 257 -18.75 -2.72 -30.35
C GLY D 257 -19.51 -2.06 -31.51
N HIS D 258 -18.88 -2.01 -32.69
CA HIS D 258 -19.53 -1.44 -33.87
C HIS D 258 -20.02 -2.58 -34.77
N HIS D 259 -20.79 -3.50 -34.17
CA HIS D 259 -21.33 -4.64 -34.89
C HIS D 259 -22.50 -4.20 -35.78
N LEU D 260 -23.14 -3.07 -35.42
CA LEU D 260 -24.19 -2.43 -36.22
C LEU D 260 -25.42 -3.35 -36.37
N GLY D 261 -25.61 -4.29 -35.43
CA GLY D 261 -26.74 -5.19 -35.48
C GLY D 261 -26.51 -6.37 -36.42
N LYS D 262 -25.29 -6.54 -36.92
CA LYS D 262 -24.96 -7.57 -37.89
C LYS D 262 -23.89 -8.49 -37.33
N SER D 263 -23.31 -9.35 -38.20
CA SER D 263 -22.33 -10.32 -37.77
C SER D 263 -21.07 -9.61 -37.32
N ILE D 264 -20.54 -10.01 -36.16
CA ILE D 264 -19.26 -9.52 -35.69
C ILE D 264 -18.15 -10.21 -36.49
N PRO D 265 -17.19 -9.47 -37.08
CA PRO D 265 -16.07 -10.08 -37.77
C PRO D 265 -15.36 -10.98 -36.78
N THR D 266 -14.98 -12.19 -37.23
N THR D 266 -14.89 -12.13 -37.24
CA THR D 266 -14.52 -13.21 -36.31
CA THR D 266 -14.51 -13.20 -36.34
C THR D 266 -13.21 -12.76 -35.67
C THR D 266 -13.17 -12.87 -35.70
N ASP D 267 -13.12 -12.96 -34.36
CA ASP D 267 -11.89 -12.70 -33.62
C ASP D 267 -11.42 -11.25 -33.79
N ASN D 268 -12.36 -10.30 -33.82
CA ASN D 268 -12.02 -8.89 -33.97
C ASN D 268 -11.10 -8.40 -32.84
N GLN D 269 -11.28 -8.91 -31.62
CA GLN D 269 -10.47 -8.45 -30.48
C GLN D 269 -9.34 -9.41 -30.14
N ILE D 270 -9.13 -10.43 -30.98
CA ILE D 270 -8.16 -11.47 -30.70
C ILE D 270 -7.12 -11.57 -31.81
N LYS D 271 -7.54 -11.35 -33.07
CA LYS D 271 -6.64 -11.43 -34.21
C LYS D 271 -6.77 -10.19 -35.09
N ALA D 272 -5.62 -9.71 -35.57
CA ALA D 272 -5.56 -8.62 -36.53
C ALA D 272 -6.07 -9.15 -37.87
N ARG D 273 -6.67 -8.25 -38.68
N ARG D 273 -6.34 -8.22 -38.81
CA ARG D 273 -7.25 -8.63 -39.97
CA ARG D 273 -6.73 -8.56 -40.17
C ARG D 273 -6.27 -8.22 -41.09
C ARG D 273 -5.60 -9.33 -40.88
#